data_5I5G
#
_entry.id   5I5G
#
_cell.length_a   101.121
_cell.length_b   184.543
_cell.length_c   98.170
_cell.angle_alpha   90.000
_cell.angle_beta   90.000
_cell.angle_gamma   90.000
#
_symmetry.space_group_name_H-M   'C 2 2 21'
#
loop_
_entity.id
_entity.type
_entity.pdbx_description
1 polymer Transketolase
2 non-polymer 'PYROPHOSPHATE 2-'
3 non-polymer DI(HYDROXYETHYL)ETHER
4 water water
#
_entity_poly.entity_id   1
_entity_poly.type   'polypeptide(L)'
_entity_poly.pdbx_seq_one_letter_code
;MGSSHHHHHHSSGLVPRGSHMSSVDQKAISTIRLLAVDAVAAANSGHPGAPLGLAPAAHAVFKKMRFNPKDTKWINRDRF
VLSNGHACALLYSMLVLYGYDLTVEDLKKFRQLGSKTPGHPENTDVPGAEVTTGPLGQGICNGVGIALAQAQFAATYNKP
DFPISDSYTYVFLGDGCLMEGVSSEASSLAGHLQLGNLIAFWDDNKISIDGSTEVAFTEDVIARYKSYGWHIVEVSDADT
DITAIAAAIDEAKKVTNKPTLVRLTTTIGFGSLAQGTHGVHGAPLKADDIKQLKTKWGFNPEESFAVPAEVTASYNEHVA
ENQKIQQQWNELFAAYKQKYPELGAELQRRLDGKLPENWDKALPVYTPADAAVATRKLSEIVLSKIIPEVPEIIGGSADL
TPSNLTKAKGTVDFQPAATGLGDYSGRYIRYGVREHAMGAIMNGIAAFGANYKNYGGTFLNFVSYAAGAVRLSALSEFPI
TWVATHDSIGLGEDGPTHQPIETLAHFRATPNISVWRPADGNETSAAYKSAIESTHTPHILALTLQNLPQLEGSSIEKAS
KGGYTLVQQDKADIIIVATGSEVSLAVDALKVLEGQGIKAGVVSLPDQLTFDKQSEEYKLSVLPDGVPILSVEVMSTFGW
SKYSHQQFGLNRFGASGKAPEIFKLFEFTPEGVAERAAKTVAFYKGKDVVSPLRSAF
;
_entity_poly.pdbx_strand_id   A
#
loop_
_chem_comp.id
_chem_comp.type
_chem_comp.name
_chem_comp.formula
PEG non-polymer DI(HYDROXYETHYL)ETHER 'C4 H10 O3'
POP non-polymer 'PYROPHOSPHATE 2-' 'H2 O7 P2 -2'
#
# COMPACT_ATOMS: atom_id res chain seq x y z
N SER A 22 15.29 -3.86 39.57
CA SER A 22 14.67 -4.51 40.74
C SER A 22 13.24 -4.97 40.41
N SER A 23 12.36 -4.06 39.99
CA SER A 23 11.05 -4.49 39.54
C SER A 23 11.17 -5.29 38.25
N VAL A 24 10.12 -6.05 37.97
CA VAL A 24 10.12 -6.86 36.77
C VAL A 24 9.94 -5.98 35.53
N ASP A 25 9.28 -4.84 35.70
CA ASP A 25 9.20 -3.87 34.60
C ASP A 25 10.60 -3.38 34.23
N GLN A 26 11.41 -3.05 35.24
CA GLN A 26 12.78 -2.63 34.97
C GLN A 26 13.56 -3.73 34.26
N LYS A 27 13.45 -4.96 34.76
CA LYS A 27 14.18 -6.07 34.15
C LYS A 27 13.73 -6.28 32.70
N ALA A 28 12.43 -6.11 32.42
CA ALA A 28 11.93 -6.30 31.07
C ALA A 28 12.50 -5.24 30.14
N ILE A 29 12.45 -3.98 30.56
CA ILE A 29 13.00 -2.87 29.78
C ILE A 29 14.48 -3.14 29.47
N SER A 30 15.25 -3.54 30.48
CA SER A 30 16.66 -3.86 30.25
C SER A 30 16.81 -5.01 29.27
N THR A 31 15.94 -6.03 29.40
CA THR A 31 16.02 -7.18 28.49
C THR A 31 15.79 -6.72 27.04
N ILE A 32 14.77 -5.88 26.82
CA ILE A 32 14.44 -5.39 25.49
C ILE A 32 15.64 -4.65 24.92
N ARG A 33 16.21 -3.74 25.71
CA ARG A 33 17.34 -2.93 25.29
C ARG A 33 18.53 -3.81 24.89
N LEU A 34 18.86 -4.79 25.73
CA LEU A 34 20.03 -5.62 25.48
C LEU A 34 19.80 -6.62 24.36
N LEU A 35 18.58 -7.14 24.19
CA LEU A 35 18.30 -7.93 22.99
C LEU A 35 18.52 -7.12 21.72
N ALA A 36 18.07 -5.86 21.72
CA ALA A 36 18.24 -5.02 20.54
C ALA A 36 19.72 -4.72 20.28
N VAL A 37 20.45 -4.36 21.34
CA VAL A 37 21.87 -4.06 21.21
C VAL A 37 22.64 -5.29 20.72
N ASP A 38 22.30 -6.47 21.27
CA ASP A 38 22.96 -7.71 20.86
C ASP A 38 22.64 -8.09 19.42
N ALA A 39 21.41 -7.84 18.97
CA ALA A 39 21.06 -8.13 17.58
C ALA A 39 21.89 -7.27 16.64
N VAL A 40 21.99 -5.99 16.95
CA VAL A 40 22.80 -5.07 16.15
C VAL A 40 24.27 -5.49 16.18
N ALA A 41 24.76 -5.90 17.36
CA ALA A 41 26.16 -6.34 17.46
C ALA A 41 26.41 -7.59 16.63
N ALA A 42 25.48 -8.55 16.64
CA ALA A 42 25.65 -9.77 15.88
C ALA A 42 25.71 -9.49 14.38
N ALA A 43 24.84 -8.60 13.89
CA ALA A 43 24.88 -8.17 12.50
C ALA A 43 26.04 -7.24 12.20
N ASN A 44 26.59 -6.59 13.22
CA ASN A 44 27.50 -5.45 13.05
C ASN A 44 26.89 -4.41 12.14
N SER A 45 25.57 -4.24 12.26
CA SER A 45 24.81 -3.36 11.38
C SER A 45 23.48 -3.06 12.06
N GLY A 46 22.97 -1.86 11.88
CA GLY A 46 21.70 -1.47 12.44
C GLY A 46 21.84 -0.34 13.44
N HIS A 47 20.71 -0.02 14.08
CA HIS A 47 20.52 1.23 14.81
C HIS A 47 20.16 0.93 16.26
N PRO A 48 21.06 1.13 17.23
CA PRO A 48 20.71 0.84 18.63
C PRO A 48 20.13 2.01 19.40
N GLY A 49 20.24 3.23 18.87
CA GLY A 49 19.87 4.42 19.63
C GLY A 49 18.40 4.48 19.99
N ALA A 50 17.54 4.46 18.96
CA ALA A 50 16.11 4.53 19.21
C ALA A 50 15.58 3.33 19.97
N PRO A 51 15.99 2.09 19.68
CA PRO A 51 15.57 0.98 20.54
C PRO A 51 15.91 1.20 22.00
N LEU A 52 17.09 1.75 22.31
CA LEU A 52 17.43 2.02 23.70
C LEU A 52 16.53 3.09 24.29
N GLY A 53 16.27 4.15 23.53
CA GLY A 53 15.45 5.24 24.04
C GLY A 53 13.98 4.90 24.16
N LEU A 54 13.48 4.01 23.31
CA LEU A 54 12.06 3.72 23.26
C LEU A 54 11.66 2.43 23.98
N ALA A 55 12.61 1.64 24.49
CA ALA A 55 12.23 0.40 25.17
C ALA A 55 11.25 0.62 26.33
N PRO A 56 11.39 1.66 27.18
CA PRO A 56 10.36 1.87 28.21
C PRO A 56 8.96 2.07 27.65
N ALA A 57 8.84 2.89 26.61
CA ALA A 57 7.55 3.13 25.99
C ALA A 57 7.01 1.87 25.33
N ALA A 58 7.88 1.10 24.66
CA ALA A 58 7.44 -0.14 24.03
C ALA A 58 6.91 -1.12 25.06
N HIS A 59 7.61 -1.26 26.18
CA HIS A 59 7.15 -2.11 27.27
C HIS A 59 5.77 -1.67 27.75
N ALA A 60 5.61 -0.38 28.02
CA ALA A 60 4.34 0.13 28.53
C ALA A 60 3.22 -0.08 27.53
N VAL A 61 3.49 0.20 26.25
CA VAL A 61 2.46 0.13 25.23
C VAL A 61 1.99 -1.31 25.04
N PHE A 62 2.94 -2.25 24.91
CA PHE A 62 2.55 -3.64 24.70
C PHE A 62 1.78 -4.20 25.89
N LYS A 63 2.09 -3.75 27.11
CA LYS A 63 1.32 -4.20 28.26
C LYS A 63 -0.12 -3.70 28.19
N LYS A 64 -0.37 -2.57 27.53
CA LYS A 64 -1.73 -2.06 27.36
C LYS A 64 -2.43 -2.64 26.14
N MET A 65 -1.70 -3.27 25.24
CA MET A 65 -2.28 -3.81 24.02
C MET A 65 -2.92 -5.18 24.21
N ARG A 66 -3.97 -5.42 23.44
CA ARG A 66 -4.60 -6.73 23.35
C ARG A 66 -4.14 -7.38 22.04
N PHE A 67 -3.54 -8.55 22.15
CA PHE A 67 -3.03 -9.25 20.97
C PHE A 67 -2.82 -10.70 21.33
N ASN A 68 -2.80 -11.54 20.31
CA ASN A 68 -2.54 -12.97 20.52
C ASN A 68 -1.34 -13.38 19.68
N PRO A 69 -0.17 -13.66 20.27
CA PRO A 69 0.96 -14.12 19.44
C PRO A 69 0.68 -15.40 18.70
N LYS A 70 -0.34 -16.16 19.11
CA LYS A 70 -0.71 -17.38 18.42
C LYS A 70 -1.80 -17.17 17.39
N ASP A 71 -2.32 -15.94 17.26
CA ASP A 71 -3.26 -15.61 16.20
C ASP A 71 -3.03 -14.15 15.81
N THR A 72 -2.10 -13.96 14.89
CA THR A 72 -1.74 -12.62 14.49
C THR A 72 -2.82 -11.93 13.66
N LYS A 73 -3.88 -12.67 13.31
CA LYS A 73 -4.96 -12.15 12.47
C LYS A 73 -6.23 -11.84 13.25
N TRP A 74 -6.24 -12.02 14.57
CA TRP A 74 -7.42 -11.69 15.35
C TRP A 74 -7.90 -10.27 15.02
N ILE A 75 -9.14 -10.14 14.52
CA ILE A 75 -9.55 -8.87 13.90
C ILE A 75 -9.73 -7.75 14.92
N ASN A 76 -9.90 -8.09 16.20
CA ASN A 76 -10.06 -7.08 17.23
C ASN A 76 -8.81 -6.86 18.04
N ARG A 77 -7.65 -7.29 17.53
CA ARG A 77 -6.40 -6.96 18.19
C ARG A 77 -6.14 -5.46 18.11
N ASP A 78 -5.50 -4.91 19.12
CA ASP A 78 -4.85 -3.62 18.95
C ASP A 78 -3.67 -3.80 17.99
N ARG A 79 -3.45 -2.80 17.13
CA ARG A 79 -2.35 -2.82 16.19
C ARG A 79 -1.24 -1.90 16.68
N PHE A 80 0.00 -2.33 16.45
CA PHE A 80 1.19 -1.55 16.72
C PHE A 80 1.95 -1.36 15.40
N VAL A 81 2.39 -0.14 15.16
CA VAL A 81 3.18 0.20 13.98
C VAL A 81 4.45 0.91 14.41
N LEU A 82 5.59 0.34 14.06
CA LEU A 82 6.88 0.99 14.25
C LEU A 82 7.17 1.79 13.00
N SER A 83 6.80 3.08 13.02
CA SER A 83 7.00 3.91 11.84
C SER A 83 8.47 4.30 11.67
N ASN A 84 9.20 4.45 12.77
CA ASN A 84 10.65 4.66 12.68
C ASN A 84 11.30 3.27 12.57
N GLY A 85 11.17 2.68 11.38
CA GLY A 85 11.38 1.25 11.20
C GLY A 85 12.82 0.81 11.33
N HIS A 86 13.75 1.74 11.19
CA HIS A 86 15.16 1.44 11.47
C HIS A 86 15.34 0.97 12.91
N ALA A 87 14.43 1.36 13.80
CA ALA A 87 14.44 0.89 15.19
C ALA A 87 13.95 -0.56 15.35
N CYS A 88 13.87 -1.33 14.26
CA CYS A 88 13.12 -2.58 14.26
C CYS A 88 13.72 -3.67 15.13
N ALA A 89 15.00 -3.55 15.52
CA ALA A 89 15.49 -4.47 16.55
C ALA A 89 14.58 -4.39 17.77
N LEU A 90 14.03 -3.20 18.03
CA LEU A 90 13.07 -3.02 19.12
C LEU A 90 11.82 -3.85 18.90
N LEU A 91 11.23 -3.75 17.70
CA LEU A 91 10.02 -4.51 17.41
C LEU A 91 10.27 -6.01 17.54
N TYR A 92 11.38 -6.48 16.96
CA TYR A 92 11.67 -7.92 17.01
C TYR A 92 11.84 -8.41 18.44
N SER A 93 12.50 -7.61 19.28
CA SER A 93 12.66 -7.98 20.68
C SER A 93 11.31 -8.17 21.36
N MET A 94 10.37 -7.25 21.11
CA MET A 94 9.03 -7.39 21.68
C MET A 94 8.36 -8.67 21.22
N LEU A 95 8.45 -8.95 19.92
CA LEU A 95 7.76 -10.11 19.36
C LEU A 95 8.37 -11.41 19.89
N VAL A 96 9.69 -11.42 20.07
CA VAL A 96 10.34 -12.61 20.65
C VAL A 96 9.90 -12.81 22.08
N LEU A 97 9.91 -11.76 22.88
CA LEU A 97 9.62 -11.91 24.30
C LEU A 97 8.16 -12.30 24.53
N TYR A 98 7.26 -11.91 23.63
CA TYR A 98 5.86 -12.27 23.78
C TYR A 98 5.51 -13.59 23.10
N GLY A 99 6.48 -14.30 22.53
CA GLY A 99 6.18 -15.63 22.02
C GLY A 99 5.49 -15.67 20.68
N TYR A 100 5.65 -14.63 19.86
CA TYR A 100 5.31 -14.75 18.46
C TYR A 100 6.19 -15.80 17.81
N ASP A 101 5.88 -16.13 16.56
CA ASP A 101 6.64 -17.11 15.79
C ASP A 101 7.99 -16.54 15.36
N LEU A 102 8.76 -16.10 16.34
CA LEU A 102 10.05 -15.45 16.16
C LEU A 102 10.84 -15.76 17.42
N THR A 103 12.09 -16.21 17.27
CA THR A 103 12.87 -16.69 18.39
C THR A 103 14.18 -15.90 18.58
N VAL A 104 14.84 -16.17 19.70
CA VAL A 104 16.15 -15.59 19.94
C VAL A 104 17.11 -15.98 18.81
N GLU A 105 17.01 -17.21 18.32
CA GLU A 105 17.87 -17.62 17.21
C GLU A 105 17.60 -16.77 15.96
N ASP A 106 16.35 -16.38 15.72
CA ASP A 106 16.05 -15.43 14.65
C ASP A 106 16.70 -14.08 14.92
N LEU A 107 16.70 -13.62 16.18
CA LEU A 107 17.36 -12.36 16.52
C LEU A 107 18.85 -12.42 16.26
N LYS A 108 19.48 -13.56 16.56
CA LYS A 108 20.89 -13.71 16.26
C LYS A 108 21.17 -13.57 14.78
N LYS A 109 20.15 -13.75 13.93
CA LYS A 109 20.28 -13.63 12.48
C LYS A 109 19.73 -12.31 11.95
N PHE A 110 19.65 -11.31 12.82
CA PHE A 110 19.28 -9.95 12.42
C PHE A 110 20.05 -9.53 11.19
N ARG A 111 19.32 -9.05 10.18
CA ARG A 111 19.91 -8.45 8.99
C ARG A 111 20.73 -9.43 8.15
N GLN A 112 20.53 -10.74 8.34
CA GLN A 112 21.21 -11.77 7.56
C GLN A 112 20.30 -12.37 6.49
N LEU A 113 20.90 -12.69 5.35
CA LEU A 113 20.17 -13.14 4.20
C LEU A 113 19.35 -14.38 4.54
N GLY A 114 18.05 -14.32 4.25
CA GLY A 114 17.14 -15.42 4.51
C GLY A 114 16.53 -15.43 5.90
N SER A 115 16.85 -14.48 6.76
CA SER A 115 16.31 -14.50 8.12
C SER A 115 14.92 -13.87 8.17
N LYS A 116 14.21 -14.11 9.27
CA LYS A 116 12.93 -13.47 9.56
C LYS A 116 13.08 -12.18 10.33
N THR A 117 14.29 -11.63 10.40
CA THR A 117 14.58 -10.38 11.12
C THR A 117 15.32 -9.42 10.21
N PRO A 118 14.70 -9.03 9.08
CA PRO A 118 15.36 -8.10 8.16
C PRO A 118 15.59 -6.73 8.79
N GLY A 119 16.49 -5.98 8.18
CA GLY A 119 16.89 -4.67 8.69
C GLY A 119 15.76 -3.68 8.84
N HIS A 120 14.64 -3.90 8.17
CA HIS A 120 13.45 -3.13 8.40
C HIS A 120 12.26 -4.09 8.31
N PRO A 121 11.26 -3.93 9.18
CA PRO A 121 10.21 -4.96 9.26
C PRO A 121 9.42 -5.08 7.98
N GLU A 122 9.11 -6.34 7.64
CA GLU A 122 8.36 -6.71 6.44
C GLU A 122 7.13 -7.51 6.88
N ASN A 123 5.95 -7.04 6.51
CA ASN A 123 4.73 -7.74 6.91
C ASN A 123 4.61 -9.09 6.23
N THR A 124 5.30 -9.29 5.11
CA THR A 124 5.27 -10.57 4.41
C THR A 124 6.13 -11.63 5.08
N ASP A 125 7.04 -11.25 5.99
CA ASP A 125 8.07 -12.15 6.48
C ASP A 125 8.07 -12.25 8.01
N VAL A 126 7.66 -11.19 8.67
CA VAL A 126 7.83 -11.05 10.11
C VAL A 126 6.46 -11.25 10.77
N PRO A 127 6.25 -12.32 11.54
CA PRO A 127 5.00 -12.46 12.29
C PRO A 127 4.84 -11.29 13.25
N GLY A 128 3.67 -10.67 13.23
CA GLY A 128 3.41 -9.55 14.09
C GLY A 128 3.79 -8.19 13.53
N ALA A 129 4.37 -8.13 12.32
CA ALA A 129 4.60 -6.87 11.61
C ALA A 129 3.39 -6.55 10.74
N GLU A 130 2.62 -5.54 11.13
CA GLU A 130 1.38 -5.22 10.46
C GLU A 130 1.61 -4.65 9.07
N VAL A 131 2.70 -3.91 8.89
CA VAL A 131 3.03 -3.24 7.64
C VAL A 131 4.54 -3.31 7.45
N THR A 132 4.99 -2.94 6.25
CA THR A 132 6.43 -2.83 5.94
C THR A 132 6.82 -1.36 6.11
N THR A 133 7.68 -1.08 7.09
CA THR A 133 8.12 0.27 7.38
C THR A 133 9.63 0.40 7.20
N GLY A 134 10.13 1.59 7.49
CA GLY A 134 11.52 1.93 7.22
C GLY A 134 11.66 3.22 6.44
N PRO A 135 11.11 3.29 5.23
CA PRO A 135 11.00 4.58 4.56
C PRO A 135 10.20 5.53 5.43
N LEU A 136 10.78 6.68 5.73
CA LEU A 136 10.22 7.51 6.80
C LEU A 136 8.91 8.15 6.39
N GLY A 137 8.02 8.31 7.37
CA GLY A 137 6.72 8.86 7.16
C GLY A 137 5.64 7.83 6.90
N GLN A 138 6.02 6.63 6.44
CA GLN A 138 5.01 5.71 5.94
C GLN A 138 4.21 5.11 7.09
N GLY A 139 4.88 4.62 8.13
CA GLY A 139 4.19 3.89 9.18
C GLY A 139 3.09 4.70 9.82
N ILE A 140 3.33 5.98 10.11
CA ILE A 140 2.30 6.78 10.76
C ILE A 140 1.07 6.92 9.85
N CYS A 141 1.30 7.05 8.53
CA CYS A 141 0.19 7.09 7.58
C CYS A 141 -0.49 5.73 7.51
N ASN A 142 0.27 4.65 7.55
CA ASN A 142 -0.34 3.33 7.65
C ASN A 142 -1.24 3.22 8.88
N GLY A 143 -0.79 3.76 10.01
CA GLY A 143 -1.60 3.73 11.22
C GLY A 143 -2.88 4.53 11.12
N VAL A 144 -2.82 5.68 10.44
CA VAL A 144 -4.06 6.39 10.13
C VAL A 144 -5.02 5.50 9.34
N GLY A 145 -4.51 4.76 8.36
CA GLY A 145 -5.36 3.86 7.60
C GLY A 145 -5.91 2.70 8.41
N ILE A 146 -5.08 2.09 9.26
CA ILE A 146 -5.60 1.04 10.15
C ILE A 146 -6.73 1.60 11.00
N ALA A 147 -6.54 2.80 11.56
CA ALA A 147 -7.58 3.37 12.40
C ALA A 147 -8.79 3.79 11.58
N LEU A 148 -8.57 4.25 10.35
CA LEU A 148 -9.71 4.59 9.50
C LEU A 148 -10.54 3.35 9.23
N ALA A 149 -9.88 2.26 8.82
CA ALA A 149 -10.56 0.98 8.59
C ALA A 149 -11.25 0.49 9.86
N GLN A 150 -10.59 0.57 11.02
CA GLN A 150 -11.21 0.13 12.26
C GLN A 150 -12.49 0.91 12.54
N ALA A 151 -12.47 2.22 12.35
CA ALA A 151 -13.68 3.02 12.55
C ALA A 151 -14.78 2.61 11.58
N GLN A 152 -14.42 2.38 10.32
CA GLN A 152 -15.42 2.03 9.31
C GLN A 152 -15.99 0.65 9.58
N PHE A 153 -15.11 -0.28 9.94
CA PHE A 153 -15.50 -1.65 10.27
C PHE A 153 -16.41 -1.68 11.50
N ALA A 154 -16.03 -0.95 12.56
CA ALA A 154 -16.84 -0.92 13.77
C ALA A 154 -18.20 -0.28 13.51
N ALA A 155 -18.21 0.82 12.74
CA ALA A 155 -19.46 1.48 12.42
C ALA A 155 -20.37 0.60 11.58
N THR A 156 -19.77 -0.26 10.76
CA THR A 156 -20.55 -1.17 9.92
C THR A 156 -21.16 -2.31 10.73
N TYR A 157 -20.38 -2.94 11.64
CA TYR A 157 -20.82 -4.18 12.25
C TYR A 157 -21.19 -4.10 13.72
N ASN A 158 -20.70 -3.12 14.47
CA ASN A 158 -21.02 -3.11 15.89
C ASN A 158 -22.52 -2.94 16.09
N LYS A 159 -23.06 -3.68 17.04
CA LYS A 159 -24.46 -3.56 17.43
C LYS A 159 -24.54 -3.27 18.93
N PRO A 160 -25.69 -2.86 19.45
CA PRO A 160 -25.81 -2.74 20.91
C PRO A 160 -25.52 -4.07 21.60
N ASP A 161 -24.69 -4.01 22.64
CA ASP A 161 -24.16 -5.16 23.37
C ASP A 161 -23.26 -6.05 22.53
N PHE A 162 -22.90 -5.64 21.32
CA PHE A 162 -21.99 -6.42 20.47
C PHE A 162 -20.87 -5.54 19.95
N PRO A 163 -19.90 -5.21 20.80
CA PRO A 163 -18.70 -4.47 20.32
C PRO A 163 -17.73 -5.40 19.60
N ILE A 164 -18.11 -5.75 18.37
CA ILE A 164 -17.29 -6.63 17.54
C ILE A 164 -15.90 -6.04 17.33
N SER A 165 -15.81 -4.72 17.14
CA SER A 165 -14.54 -4.04 16.86
C SER A 165 -14.43 -2.83 17.77
N ASP A 166 -13.43 -2.80 18.64
CA ASP A 166 -13.17 -1.63 19.49
C ASP A 166 -11.69 -1.48 19.75
N SER A 167 -10.87 -1.82 18.77
CA SER A 167 -9.43 -1.88 18.91
C SER A 167 -8.79 -0.53 18.60
N TYR A 168 -7.60 -0.33 19.16
CA TYR A 168 -6.81 0.87 19.00
C TYR A 168 -5.64 0.61 18.07
N THR A 169 -5.10 1.72 17.56
CA THR A 169 -3.90 1.72 16.74
C THR A 169 -2.85 2.58 17.41
N TYR A 170 -1.70 1.96 17.71
CA TYR A 170 -0.58 2.59 18.38
C TYR A 170 0.56 2.72 17.39
N VAL A 171 1.15 3.93 17.29
CA VAL A 171 2.23 4.18 16.33
C VAL A 171 3.39 4.82 17.07
N PHE A 172 4.58 4.26 16.87
CA PHE A 172 5.83 4.92 17.27
C PHE A 172 6.42 5.62 16.06
N LEU A 173 6.87 6.85 16.24
CA LEU A 173 7.47 7.61 15.15
C LEU A 173 8.61 8.46 15.70
N GLY A 174 9.53 8.84 14.82
CA GLY A 174 10.63 9.72 15.15
C GLY A 174 10.58 11.08 14.46
N ASP A 175 11.61 11.88 14.76
CA ASP A 175 11.68 13.24 14.21
C ASP A 175 11.62 13.23 12.69
N GLY A 176 12.36 12.31 12.06
CA GLY A 176 12.34 12.24 10.62
C GLY A 176 10.94 12.04 10.08
N CYS A 177 10.15 11.18 10.72
CA CYS A 177 8.79 10.97 10.28
C CYS A 177 8.01 12.27 10.28
N LEU A 178 8.29 13.14 11.25
CA LEU A 178 7.59 14.41 11.39
C LEU A 178 8.04 15.46 10.39
N MET A 179 9.22 15.28 9.78
CA MET A 179 9.64 16.17 8.70
C MET A 179 9.08 15.78 7.34
N GLU A 180 8.81 14.48 7.13
CA GLU A 180 8.28 14.03 5.84
C GLU A 180 6.86 14.58 5.62
N GLY A 181 6.64 15.17 4.44
CA GLY A 181 5.34 15.73 4.14
C GLY A 181 4.21 14.73 4.18
N VAL A 182 4.49 13.47 3.85
CA VAL A 182 3.42 12.50 3.83
C VAL A 182 2.77 12.39 5.21
N SER A 183 3.55 12.55 6.28
CA SER A 183 2.97 12.45 7.63
C SER A 183 2.13 13.67 8.00
N SER A 184 2.49 14.86 7.49
CA SER A 184 1.65 16.04 7.67
C SER A 184 0.30 15.83 7.00
N GLU A 185 0.32 15.36 5.75
CA GLU A 185 -0.91 15.06 5.04
C GLU A 185 -1.79 14.17 5.87
N ALA A 186 -1.25 13.04 6.33
CA ALA A 186 -2.06 12.06 7.03
C ALA A 186 -2.51 12.55 8.39
N SER A 187 -1.70 13.39 9.03
CA SER A 187 -2.05 13.91 10.35
C SER A 187 -3.13 14.99 10.26
N SER A 188 -3.06 15.85 9.23
CA SER A 188 -4.15 16.78 8.96
C SER A 188 -5.46 16.02 8.78
N LEU A 189 -5.44 14.98 7.94
CA LEU A 189 -6.65 14.22 7.66
C LEU A 189 -7.11 13.44 8.90
N ALA A 190 -6.19 12.88 9.67
CA ALA A 190 -6.58 12.13 10.87
C ALA A 190 -7.26 13.04 11.90
N GLY A 191 -6.74 14.26 12.05
CA GLY A 191 -7.41 15.23 12.91
C GLY A 191 -8.80 15.58 12.39
N HIS A 192 -8.90 15.88 11.10
CA HIS A 192 -10.20 16.17 10.53
C HIS A 192 -11.18 15.03 10.78
N LEU A 193 -10.71 13.78 10.67
CA LEU A 193 -11.58 12.62 10.84
C LEU A 193 -11.78 12.21 12.30
N GLN A 194 -11.28 12.99 13.26
CA GLN A 194 -11.54 12.82 14.68
C GLN A 194 -11.26 11.40 15.16
N LEU A 195 -10.14 10.81 14.69
CA LEU A 195 -9.83 9.39 14.90
C LEU A 195 -9.26 9.15 16.30
N GLY A 196 -10.15 9.18 17.29
CA GLY A 196 -9.77 8.94 18.68
C GLY A 196 -9.31 7.53 18.98
N ASN A 197 -9.39 6.63 18.02
CA ASN A 197 -8.86 5.29 18.16
C ASN A 197 -7.39 5.20 17.76
N LEU A 198 -6.76 6.32 17.43
CA LEU A 198 -5.35 6.37 17.04
C LEU A 198 -4.51 7.05 18.12
N ILE A 199 -3.44 6.40 18.54
CA ILE A 199 -2.53 6.98 19.53
C ILE A 199 -1.13 6.88 18.96
N ALA A 200 -0.52 8.03 18.72
CA ALA A 200 0.84 8.10 18.19
C ALA A 200 1.79 8.61 19.27
N PHE A 201 3.02 8.10 19.22
CA PHE A 201 4.06 8.43 20.19
C PHE A 201 5.26 8.97 19.44
N TRP A 202 5.62 10.20 19.76
CA TRP A 202 6.76 10.85 19.15
C TRP A 202 7.99 10.65 20.03
N ASP A 203 9.02 10.03 19.46
CA ASP A 203 10.31 9.89 20.14
C ASP A 203 11.05 11.22 20.06
N ASP A 204 10.85 12.06 21.08
CA ASP A 204 11.39 13.41 21.07
C ASP A 204 12.76 13.36 21.72
N ASN A 205 13.77 13.02 20.90
CA ASN A 205 15.13 12.81 21.38
C ASN A 205 16.13 13.79 20.77
N LYS A 206 15.66 14.77 19.99
CA LYS A 206 16.43 15.93 19.57
C LYS A 206 17.60 15.57 18.65
N ILE A 207 17.62 14.37 18.08
CA ILE A 207 18.73 13.91 17.26
C ILE A 207 18.16 13.34 15.96
N SER A 208 18.73 13.73 14.84
CA SER A 208 18.50 13.01 13.59
C SER A 208 19.86 12.60 13.04
N ILE A 209 19.87 12.10 11.81
CA ILE A 209 21.11 11.56 11.23
C ILE A 209 22.17 12.65 11.07
N ASP A 210 21.76 13.86 10.68
CA ASP A 210 22.75 14.91 10.48
C ASP A 210 23.29 15.48 11.78
N GLY A 211 22.64 15.20 12.91
CA GLY A 211 23.02 15.77 14.19
C GLY A 211 21.82 16.32 14.93
N SER A 212 22.03 17.37 15.71
CA SER A 212 20.92 17.99 16.44
C SER A 212 19.79 18.36 15.49
N THR A 213 18.54 18.21 15.97
CA THR A 213 17.40 18.69 15.20
C THR A 213 17.41 20.20 15.06
N GLU A 214 18.18 20.91 15.88
CA GLU A 214 18.29 22.36 15.77
C GLU A 214 18.79 22.82 14.40
N VAL A 215 19.46 21.96 13.63
CA VAL A 215 20.02 22.44 12.38
C VAL A 215 18.96 22.50 11.27
N ALA A 216 17.82 21.82 11.43
CA ALA A 216 16.86 21.78 10.32
C ALA A 216 15.41 21.60 10.75
N PHE A 217 15.10 21.55 12.05
CA PHE A 217 13.78 21.12 12.51
C PHE A 217 13.51 21.81 13.85
N THR A 218 13.11 23.08 13.78
CA THR A 218 12.91 23.92 14.95
C THR A 218 11.46 24.34 15.13
N GLU A 219 10.54 23.80 14.32
CA GLU A 219 9.13 24.12 14.41
C GLU A 219 8.55 23.68 15.75
N ASP A 220 7.44 24.30 16.13
CA ASP A 220 6.67 23.90 17.31
C ASP A 220 5.77 22.75 16.91
N VAL A 221 6.30 21.52 17.03
CA VAL A 221 5.58 20.31 16.62
C VAL A 221 4.24 20.20 17.32
N ILE A 222 4.23 20.45 18.63
CA ILE A 222 3.01 20.31 19.42
C ILE A 222 1.93 21.27 18.93
N ALA A 223 2.32 22.53 18.71
CA ALA A 223 1.37 23.53 18.23
C ALA A 223 0.83 23.14 16.86
N ARG A 224 1.69 22.58 16.00
CA ARG A 224 1.22 22.11 14.70
C ARG A 224 0.20 20.98 14.85
N TYR A 225 0.47 20.02 15.74
CA TYR A 225 -0.46 18.92 15.89
C TYR A 225 -1.78 19.40 16.48
N LYS A 226 -1.74 20.35 17.41
CA LYS A 226 -2.99 20.97 17.87
C LYS A 226 -3.73 21.64 16.73
N SER A 227 -3.00 22.25 15.79
CA SER A 227 -3.66 22.93 14.68
C SER A 227 -4.43 21.95 13.80
N TYR A 228 -4.02 20.69 13.75
CA TYR A 228 -4.76 19.66 13.03
C TYR A 228 -5.97 19.15 13.80
N GLY A 229 -6.06 19.46 15.10
CA GLY A 229 -7.13 18.95 15.93
C GLY A 229 -6.74 17.75 16.77
N TRP A 230 -5.45 17.47 16.92
CA TRP A 230 -5.00 16.35 17.74
C TRP A 230 -4.98 16.76 19.20
N HIS A 231 -5.22 15.77 20.06
CA HIS A 231 -4.99 15.86 21.48
C HIS A 231 -3.52 15.56 21.77
N ILE A 232 -2.97 16.25 22.77
CA ILE A 232 -1.56 16.15 23.13
C ILE A 232 -1.45 15.70 24.58
N VAL A 233 -0.59 14.72 24.84
CA VAL A 233 -0.08 14.42 26.19
C VAL A 233 1.44 14.43 26.13
N GLU A 234 2.08 15.13 27.07
CA GLU A 234 3.53 15.21 27.10
C GLU A 234 4.07 14.40 28.28
N VAL A 235 5.04 13.52 28.01
CA VAL A 235 5.73 12.75 29.05
C VAL A 235 7.15 13.30 29.11
N SER A 236 7.46 14.07 30.15
CA SER A 236 8.75 14.78 30.20
C SER A 236 9.91 13.82 30.46
N ASP A 237 9.67 12.70 31.14
CA ASP A 237 10.72 11.70 31.40
C ASP A 237 10.25 10.34 30.90
N ALA A 238 10.32 10.13 29.58
CA ALA A 238 9.96 8.86 28.98
C ALA A 238 11.10 7.86 29.04
N ASP A 239 12.27 8.26 29.59
CA ASP A 239 13.34 7.33 29.93
C ASP A 239 12.96 6.38 31.05
N THR A 240 12.18 6.84 32.03
CA THR A 240 11.92 6.04 33.23
C THR A 240 10.47 6.03 33.68
N ASP A 241 9.64 7.00 33.29
CA ASP A 241 8.32 7.15 33.89
C ASP A 241 7.29 6.37 33.07
N ILE A 242 7.31 5.05 33.23
CA ILE A 242 6.35 4.24 32.50
C ILE A 242 4.94 4.40 33.06
N THR A 243 4.80 4.83 34.31
CA THR A 243 3.47 5.16 34.83
C THR A 243 2.86 6.32 34.07
N ALA A 244 3.66 7.33 33.75
CA ALA A 244 3.17 8.46 32.96
C ALA A 244 2.82 8.03 31.55
N ILE A 245 3.60 7.11 30.97
CA ILE A 245 3.30 6.65 29.62
C ILE A 245 1.96 5.92 29.61
N ALA A 246 1.73 5.08 30.62
CA ALA A 246 0.49 4.34 30.72
C ALA A 246 -0.69 5.28 30.95
N ALA A 247 -0.51 6.30 31.78
CA ALA A 247 -1.57 7.26 32.00
C ALA A 247 -1.85 8.09 30.76
N ALA A 248 -0.81 8.43 29.98
CA ALA A 248 -1.02 9.12 28.70
C ALA A 248 -1.88 8.29 27.76
N ILE A 249 -1.69 6.98 27.75
CA ILE A 249 -2.54 6.10 26.94
C ILE A 249 -3.98 6.17 27.45
N ASP A 250 -4.17 6.06 28.76
CA ASP A 250 -5.54 6.15 29.31
C ASP A 250 -6.16 7.49 28.96
N GLU A 251 -5.41 8.58 29.09
CA GLU A 251 -5.94 9.89 28.74
C GLU A 251 -6.29 9.96 27.26
N ALA A 252 -5.42 9.41 26.39
CA ALA A 252 -5.72 9.38 24.96
C ALA A 252 -7.06 8.68 24.70
N LYS A 253 -7.29 7.53 25.34
CA LYS A 253 -8.53 6.80 25.14
C LYS A 253 -9.75 7.56 25.62
N LYS A 254 -9.61 8.40 26.66
CA LYS A 254 -10.75 9.20 27.09
C LYS A 254 -11.12 10.28 26.07
N VAL A 255 -10.18 10.70 25.24
CA VAL A 255 -10.45 11.72 24.21
C VAL A 255 -10.82 10.99 22.93
N THR A 256 -12.10 10.63 22.81
CA THR A 256 -12.59 9.78 21.75
C THR A 256 -12.76 10.50 20.41
N ASN A 257 -12.75 11.84 20.39
CA ASN A 257 -12.99 12.58 19.17
C ASN A 257 -11.76 13.27 18.62
N LYS A 258 -10.56 12.90 19.10
CA LYS A 258 -9.30 13.43 18.54
C LYS A 258 -8.24 12.32 18.54
N PRO A 259 -7.49 12.14 17.46
CA PRO A 259 -6.28 11.33 17.58
C PRO A 259 -5.35 12.01 18.57
N THR A 260 -4.52 11.22 19.26
CA THR A 260 -3.64 11.73 20.30
C THR A 260 -2.18 11.53 19.94
N LEU A 261 -1.38 12.58 20.10
CA LEU A 261 0.07 12.51 20.01
C LEU A 261 0.65 12.57 21.42
N VAL A 262 1.41 11.53 21.78
CA VAL A 262 2.11 11.44 23.06
C VAL A 262 3.57 11.81 22.81
N ARG A 263 4.01 12.92 23.40
CA ARG A 263 5.39 13.35 23.27
C ARG A 263 6.24 12.60 24.31
N LEU A 264 7.11 11.72 23.82
CA LEU A 264 8.06 10.98 24.67
C LEU A 264 9.41 11.67 24.60
N THR A 265 9.76 12.42 25.63
CA THR A 265 11.08 13.02 25.71
C THR A 265 12.04 11.96 26.23
N THR A 266 12.95 11.50 25.37
CA THR A 266 13.86 10.41 25.69
C THR A 266 15.30 10.83 25.44
N THR A 267 16.21 10.01 25.98
CA THR A 267 17.64 10.07 25.69
C THR A 267 17.95 9.01 24.64
N ILE A 268 18.32 9.42 23.43
CA ILE A 268 18.64 8.43 22.41
C ILE A 268 19.80 7.58 22.92
N GLY A 269 19.72 6.27 22.72
CA GLY A 269 20.76 5.38 23.18
C GLY A 269 20.91 5.31 24.69
N PHE A 270 19.81 5.53 25.43
CA PHE A 270 19.86 5.57 26.90
C PHE A 270 20.71 4.44 27.47
N GLY A 271 21.70 4.80 28.29
CA GLY A 271 22.58 3.85 28.94
C GLY A 271 23.94 3.72 28.28
N SER A 272 24.01 3.93 26.96
CA SER A 272 25.27 3.90 26.24
C SER A 272 26.18 5.02 26.72
N LEU A 273 27.51 4.76 26.64
CA LEU A 273 28.46 5.85 26.87
C LEU A 273 28.20 7.02 25.93
N ALA A 274 27.64 6.74 24.76
CA ALA A 274 27.33 7.77 23.77
C ALA A 274 25.86 8.18 23.79
N GLN A 275 25.16 7.90 24.89
CA GLN A 275 23.75 8.26 24.95
C GLN A 275 23.61 9.76 24.72
N GLY A 276 22.48 10.15 24.13
CA GLY A 276 22.22 11.57 23.88
C GLY A 276 23.09 12.21 22.82
N THR A 277 23.81 11.42 22.03
CA THR A 277 24.64 11.93 20.94
C THR A 277 24.25 11.18 19.68
N HIS A 278 24.49 11.78 18.52
CA HIS A 278 23.99 11.16 17.30
C HIS A 278 24.89 10.04 16.81
N GLY A 279 25.94 9.69 17.55
CA GLY A 279 26.71 8.51 17.23
C GLY A 279 25.92 7.21 17.43
N VAL A 280 25.17 7.12 18.54
CA VAL A 280 24.39 5.91 18.81
C VAL A 280 23.26 5.69 17.82
N HIS A 281 22.99 6.64 16.93
CA HIS A 281 21.83 6.54 16.05
C HIS A 281 21.87 5.27 15.21
N GLY A 282 22.87 5.14 14.33
CA GLY A 282 22.87 4.07 13.34
C GLY A 282 24.14 3.25 13.23
N ALA A 283 24.87 3.09 14.35
CA ALA A 283 26.09 2.31 14.34
C ALA A 283 26.10 1.33 15.51
N PRO A 284 26.54 0.09 15.31
CA PRO A 284 26.71 -0.83 16.44
C PRO A 284 27.55 -0.19 17.55
N LEU A 285 27.19 -0.49 18.79
CA LEU A 285 27.95 0.00 19.94
C LEU A 285 29.29 -0.72 20.06
N LYS A 286 30.26 -0.03 20.67
CA LYS A 286 31.55 -0.66 20.91
C LYS A 286 31.46 -1.72 21.98
N ALA A 287 32.36 -2.70 21.90
CA ALA A 287 32.28 -3.86 22.79
C ALA A 287 32.27 -3.44 24.27
N ASP A 288 33.15 -2.49 24.64
CA ASP A 288 33.20 -2.07 26.04
C ASP A 288 31.94 -1.33 26.45
N ASP A 289 31.33 -0.61 25.52
CA ASP A 289 30.06 0.04 25.79
C ASP A 289 28.98 -1.00 26.11
N ILE A 290 28.93 -2.07 25.31
CA ILE A 290 27.95 -3.13 25.55
C ILE A 290 28.20 -3.78 26.90
N LYS A 291 29.47 -3.96 27.25
CA LYS A 291 29.79 -4.61 28.51
C LYS A 291 29.32 -3.78 29.70
N GLN A 292 29.54 -2.45 29.67
CA GLN A 292 29.10 -1.64 30.80
C GLN A 292 27.58 -1.51 30.85
N LEU A 293 26.91 -1.51 29.70
CA LEU A 293 25.45 -1.56 29.67
C LEU A 293 24.93 -2.77 30.44
N LYS A 294 25.43 -3.95 30.11
CA LYS A 294 24.95 -5.17 30.74
C LYS A 294 25.22 -5.15 32.25
N THR A 295 26.47 -4.84 32.65
CA THR A 295 26.83 -4.93 34.06
C THR A 295 25.98 -3.99 34.90
N LYS A 296 25.86 -2.73 34.50
CA LYS A 296 25.13 -1.78 35.33
C LYS A 296 23.64 -2.10 35.43
N TRP A 297 23.10 -2.91 34.51
CA TRP A 297 21.72 -3.33 34.60
C TRP A 297 21.57 -4.75 35.15
N GLY A 298 22.66 -5.34 35.65
CA GLY A 298 22.56 -6.63 36.31
C GLY A 298 22.66 -7.84 35.40
N PHE A 299 23.08 -7.64 34.15
CA PHE A 299 23.24 -8.73 33.21
C PHE A 299 24.70 -9.14 33.09
N ASN A 300 24.92 -10.31 32.55
CA ASN A 300 26.26 -10.84 32.38
C ASN A 300 26.94 -10.25 31.13
N PRO A 301 28.01 -9.47 31.27
CA PRO A 301 28.64 -8.89 30.07
C PRO A 301 29.23 -9.94 29.16
N GLU A 302 29.40 -11.17 29.63
CA GLU A 302 29.91 -12.24 28.80
C GLU A 302 28.80 -13.02 28.08
N GLU A 303 27.55 -12.69 28.33
CA GLU A 303 26.41 -13.40 27.76
C GLU A 303 25.72 -12.50 26.74
N SER A 304 25.24 -13.10 25.65
CA SER A 304 24.48 -12.37 24.66
C SER A 304 23.09 -13.00 24.52
N PHE A 305 22.12 -12.18 24.12
CA PHE A 305 20.74 -12.61 23.89
C PHE A 305 20.13 -13.28 25.12
N ALA A 306 20.42 -12.70 26.28
CA ALA A 306 19.89 -13.19 27.55
C ALA A 306 18.42 -12.84 27.70
N VAL A 307 17.63 -13.81 28.17
CA VAL A 307 16.20 -13.59 28.45
C VAL A 307 15.91 -14.08 29.85
N PRO A 308 15.82 -13.20 30.85
CA PRO A 308 15.44 -13.64 32.20
C PRO A 308 14.06 -14.29 32.18
N ALA A 309 13.96 -15.46 32.82
CA ALA A 309 12.69 -16.18 32.85
C ALA A 309 11.59 -15.36 33.51
N GLU A 310 11.95 -14.49 34.45
CA GLU A 310 10.93 -13.67 35.10
C GLU A 310 10.27 -12.70 34.13
N VAL A 311 11.02 -12.24 33.12
CA VAL A 311 10.45 -11.34 32.12
C VAL A 311 9.45 -12.10 31.25
N THR A 312 9.84 -13.25 30.72
CA THR A 312 8.91 -13.97 29.86
C THR A 312 7.72 -14.50 30.65
N ALA A 313 7.90 -14.80 31.94
CA ALA A 313 6.76 -15.17 32.76
C ALA A 313 5.78 -14.01 32.87
N SER A 314 6.30 -12.82 33.14
CA SER A 314 5.43 -11.66 33.27
C SER A 314 4.72 -11.36 31.95
N TYR A 315 5.46 -11.47 30.85
CA TYR A 315 4.88 -11.29 29.52
C TYR A 315 3.86 -12.38 29.22
N ASN A 316 4.15 -13.63 29.60
CA ASN A 316 3.23 -14.74 29.37
C ASN A 316 1.91 -14.50 30.07
N GLU A 317 1.95 -13.86 31.25
CA GLU A 317 0.72 -13.57 31.95
C GLU A 317 -0.16 -12.63 31.13
N HIS A 318 0.43 -11.61 30.54
CA HIS A 318 -0.32 -10.70 29.66
C HIS A 318 -0.84 -11.42 28.44
N VAL A 319 -0.04 -12.33 27.88
CA VAL A 319 -0.52 -13.14 26.76
C VAL A 319 -1.75 -13.95 27.18
N ALA A 320 -1.68 -14.59 28.35
CA ALA A 320 -2.80 -15.40 28.82
C ALA A 320 -4.07 -14.58 28.98
N GLU A 321 -3.95 -13.37 29.57
CA GLU A 321 -5.11 -12.49 29.68
C GLU A 321 -5.67 -12.13 28.31
N ASN A 322 -4.77 -11.84 27.36
CA ASN A 322 -5.20 -11.46 26.02
C ASN A 322 -5.89 -12.63 25.32
N GLN A 323 -5.37 -13.85 25.51
CA GLN A 323 -5.98 -15.00 24.87
C GLN A 323 -7.36 -15.27 25.45
N LYS A 324 -7.54 -15.01 26.73
CA LYS A 324 -8.87 -15.05 27.33
C LYS A 324 -9.78 -14.00 26.72
N ILE A 325 -9.25 -12.79 26.51
CA ILE A 325 -10.05 -11.75 25.86
C ILE A 325 -10.46 -12.20 24.46
N GLN A 326 -9.55 -12.81 23.70
CA GLN A 326 -9.93 -13.26 22.37
C GLN A 326 -10.97 -14.38 22.45
N GLN A 327 -10.79 -15.30 23.40
CA GLN A 327 -11.76 -16.38 23.56
C GLN A 327 -13.15 -15.82 23.84
N GLN A 328 -13.25 -14.81 24.71
CA GLN A 328 -14.52 -14.15 24.98
C GLN A 328 -15.02 -13.42 23.74
N TRP A 329 -14.11 -12.83 22.97
CA TRP A 329 -14.50 -12.21 21.71
C TRP A 329 -15.07 -13.24 20.74
N ASN A 330 -14.44 -14.43 20.68
CA ASN A 330 -14.95 -15.49 19.83
C ASN A 330 -16.37 -15.89 20.23
N GLU A 331 -16.64 -15.93 21.54
CA GLU A 331 -18.01 -16.23 22.00
C GLU A 331 -18.97 -15.09 21.67
N LEU A 332 -18.53 -13.84 21.84
CA LEU A 332 -19.32 -12.69 21.42
C LEU A 332 -19.67 -12.78 19.94
N PHE A 333 -18.69 -13.12 19.11
CA PHE A 333 -18.92 -13.27 17.68
C PHE A 333 -19.89 -14.39 17.40
N ALA A 334 -19.75 -15.52 18.09
CA ALA A 334 -20.69 -16.62 17.92
C ALA A 334 -22.11 -16.20 18.27
N ALA A 335 -22.29 -15.47 19.37
CA ALA A 335 -23.61 -14.98 19.73
C ALA A 335 -24.12 -13.97 18.70
N TYR A 336 -23.22 -13.13 18.19
CA TYR A 336 -23.56 -12.17 17.15
C TYR A 336 -24.10 -12.87 15.91
N LYS A 337 -23.43 -13.93 15.48
CA LYS A 337 -23.86 -14.62 14.28
C LYS A 337 -25.23 -15.25 14.48
N GLN A 338 -25.56 -15.61 15.72
CA GLN A 338 -26.88 -16.19 15.99
C GLN A 338 -27.96 -15.11 15.99
N LYS A 339 -27.70 -13.95 16.59
CA LYS A 339 -28.71 -12.90 16.64
C LYS A 339 -28.83 -12.13 15.33
N TYR A 340 -27.75 -12.07 14.56
CA TYR A 340 -27.70 -11.34 13.28
C TYR A 340 -27.07 -12.24 12.24
N PRO A 341 -27.79 -13.28 11.80
CA PRO A 341 -27.16 -14.28 10.92
C PRO A 341 -26.64 -13.70 9.62
N GLU A 342 -27.26 -12.64 9.12
CA GLU A 342 -26.87 -12.04 7.85
C GLU A 342 -25.54 -11.30 7.99
N LEU A 343 -25.48 -10.36 8.94
CA LEU A 343 -24.25 -9.65 9.21
C LEU A 343 -23.16 -10.60 9.64
N GLY A 344 -23.50 -11.60 10.45
CA GLY A 344 -22.51 -12.53 10.95
C GLY A 344 -21.89 -13.39 9.86
N ALA A 345 -22.72 -13.82 8.92
CA ALA A 345 -22.19 -14.58 7.79
C ALA A 345 -21.31 -13.70 6.91
N GLU A 346 -21.71 -12.44 6.69
CA GLU A 346 -20.90 -11.51 5.92
C GLU A 346 -19.55 -11.28 6.60
N LEU A 347 -19.57 -11.09 7.92
CA LEU A 347 -18.34 -10.91 8.67
C LEU A 347 -17.47 -12.16 8.60
N GLN A 348 -18.05 -13.34 8.82
CA GLN A 348 -17.26 -14.57 8.72
C GLN A 348 -16.61 -14.68 7.35
N ARG A 349 -17.38 -14.43 6.29
CA ARG A 349 -16.86 -14.44 4.93
C ARG A 349 -15.64 -13.53 4.78
N ARG A 350 -15.77 -12.29 5.23
CA ARG A 350 -14.66 -11.35 5.10
C ARG A 350 -13.45 -11.80 5.92
N LEU A 351 -13.69 -12.29 7.13
CA LEU A 351 -12.57 -12.75 7.95
C LEU A 351 -11.91 -13.99 7.34
N ASP A 352 -12.67 -14.77 6.56
CA ASP A 352 -12.09 -15.89 5.84
C ASP A 352 -11.34 -15.45 4.58
N GLY A 353 -11.42 -14.18 4.21
CA GLY A 353 -10.71 -13.68 3.04
C GLY A 353 -11.38 -14.01 1.72
N LYS A 354 -12.71 -14.15 1.72
CA LYS A 354 -13.45 -14.54 0.53
C LYS A 354 -14.41 -13.43 0.15
N LEU A 355 -14.51 -13.18 -1.16
CA LEU A 355 -15.50 -12.25 -1.67
C LEU A 355 -16.88 -12.92 -1.70
N PRO A 356 -17.95 -12.13 -1.86
CA PRO A 356 -19.29 -12.73 -2.00
C PRO A 356 -19.37 -13.65 -3.20
N GLU A 357 -20.12 -14.73 -3.04
CA GLU A 357 -20.34 -15.65 -4.15
C GLU A 357 -20.93 -14.91 -5.34
N ASN A 358 -20.35 -15.15 -6.51
CA ASN A 358 -20.86 -14.59 -7.76
C ASN A 358 -20.92 -13.06 -7.75
N TRP A 359 -20.08 -12.41 -6.92
CA TRP A 359 -20.04 -10.96 -6.91
C TRP A 359 -19.82 -10.41 -8.32
N ASP A 360 -19.03 -11.12 -9.12
CA ASP A 360 -18.64 -10.62 -10.43
C ASP A 360 -19.79 -10.65 -11.42
N LYS A 361 -20.93 -11.27 -11.08
CA LYS A 361 -22.14 -11.13 -11.88
C LYS A 361 -22.57 -9.67 -11.99
N ALA A 362 -22.12 -8.82 -11.07
CA ALA A 362 -22.47 -7.41 -11.13
C ALA A 362 -21.64 -6.62 -12.13
N LEU A 363 -20.57 -7.19 -12.69
CA LEU A 363 -19.72 -6.43 -13.60
C LEU A 363 -20.48 -6.16 -14.89
N PRO A 364 -20.48 -4.92 -15.40
CA PRO A 364 -21.13 -4.67 -16.68
C PRO A 364 -20.35 -5.25 -17.86
N VAL A 365 -21.11 -5.63 -18.89
CA VAL A 365 -20.61 -6.21 -20.13
C VAL A 365 -21.16 -5.38 -21.27
N TYR A 366 -20.32 -5.15 -22.28
CA TYR A 366 -20.66 -4.31 -23.40
C TYR A 366 -20.53 -5.09 -24.69
N THR A 367 -21.09 -4.55 -25.76
CA THR A 367 -20.96 -5.07 -27.12
C THR A 367 -20.59 -3.94 -28.04
N PRO A 368 -20.15 -4.26 -29.27
CA PRO A 368 -19.84 -3.20 -30.24
C PRO A 368 -21.04 -2.34 -30.65
N ALA A 369 -22.26 -2.72 -30.31
CA ALA A 369 -23.41 -1.86 -30.56
C ALA A 369 -23.58 -0.78 -29.50
N ASP A 370 -22.85 -0.86 -28.40
CA ASP A 370 -22.90 0.17 -27.38
C ASP A 370 -22.08 1.38 -27.79
N ALA A 371 -22.47 2.55 -27.30
CA ALA A 371 -21.78 3.79 -27.63
C ALA A 371 -20.36 3.78 -27.08
N ALA A 372 -19.55 4.67 -27.66
CA ALA A 372 -18.22 4.91 -27.15
C ALA A 372 -18.31 5.62 -25.80
N VAL A 373 -17.41 5.25 -24.89
CA VAL A 373 -17.40 5.74 -23.52
C VAL A 373 -15.94 5.86 -23.08
N ALA A 374 -15.63 6.92 -22.32
CA ALA A 374 -14.30 7.04 -21.71
C ALA A 374 -14.15 5.98 -20.61
N THR A 375 -12.93 5.48 -20.41
CA THR A 375 -12.81 4.45 -19.40
C THR A 375 -12.88 5.01 -17.97
N ARG A 376 -12.71 6.32 -17.75
CA ARG A 376 -13.03 6.85 -16.42
C ARG A 376 -14.53 6.75 -16.16
N LYS A 377 -15.36 6.92 -17.20
CA LYS A 377 -16.80 6.80 -17.01
C LYS A 377 -17.23 5.34 -16.88
N LEU A 378 -16.61 4.43 -17.65
CA LEU A 378 -16.85 3.00 -17.45
C LEU A 378 -16.47 2.59 -16.04
N SER A 379 -15.37 3.13 -15.51
CA SER A 379 -14.96 2.86 -14.14
C SER A 379 -16.03 3.31 -13.14
N GLU A 380 -16.57 4.51 -13.31
CA GLU A 380 -17.66 4.96 -12.44
C GLU A 380 -18.84 4.00 -12.47
N ILE A 381 -19.17 3.50 -13.67
CA ILE A 381 -20.26 2.55 -13.80
C ILE A 381 -19.95 1.25 -13.06
N VAL A 382 -18.73 0.73 -13.23
CA VAL A 382 -18.35 -0.49 -12.51
C VAL A 382 -18.54 -0.30 -11.01
N LEU A 383 -18.01 0.81 -10.48
CA LEU A 383 -18.08 1.05 -9.04
C LEU A 383 -19.53 1.16 -8.57
N SER A 384 -20.36 1.82 -9.37
CA SER A 384 -21.78 1.92 -9.04
C SER A 384 -22.45 0.54 -8.95
N LYS A 385 -22.01 -0.42 -9.77
CA LYS A 385 -22.56 -1.76 -9.73
C LYS A 385 -21.96 -2.64 -8.62
N ILE A 386 -20.68 -2.51 -8.31
CA ILE A 386 -20.06 -3.53 -7.44
C ILE A 386 -19.98 -3.07 -5.99
N ILE A 387 -19.96 -1.75 -5.75
CA ILE A 387 -19.97 -1.27 -4.37
C ILE A 387 -21.20 -1.78 -3.62
N PRO A 388 -22.41 -1.75 -4.18
CA PRO A 388 -23.57 -2.33 -3.46
C PRO A 388 -23.44 -3.83 -3.21
N GLU A 389 -22.69 -4.54 -4.03
CA GLU A 389 -22.56 -5.99 -3.90
C GLU A 389 -21.41 -6.41 -3.01
N VAL A 390 -20.42 -5.56 -2.78
CA VAL A 390 -19.20 -6.00 -2.10
C VAL A 390 -18.93 -5.03 -0.96
N PRO A 391 -19.37 -5.33 0.26
CA PRO A 391 -19.30 -4.32 1.33
C PRO A 391 -17.88 -3.93 1.72
N GLU A 392 -16.88 -4.79 1.48
CA GLU A 392 -15.50 -4.52 1.85
C GLU A 392 -14.80 -3.58 0.88
N ILE A 393 -15.48 -3.07 -0.14
CA ILE A 393 -14.94 -2.00 -0.97
C ILE A 393 -15.24 -0.66 -0.32
N ILE A 394 -14.19 0.10 -0.05
CA ILE A 394 -14.29 1.51 0.29
C ILE A 394 -13.21 2.19 -0.51
N GLY A 395 -13.34 3.50 -0.69
CA GLY A 395 -12.28 4.22 -1.35
C GLY A 395 -12.58 5.71 -1.40
N GLY A 396 -11.75 6.43 -2.12
CA GLY A 396 -11.94 7.86 -2.23
C GLY A 396 -11.10 8.43 -3.35
N SER A 397 -10.91 9.74 -3.26
CA SER A 397 -10.17 10.50 -4.27
C SER A 397 -9.41 11.63 -3.57
N ALA A 398 -8.27 11.99 -4.16
CA ALA A 398 -7.45 13.08 -3.64
C ALA A 398 -7.90 14.40 -4.27
N ASP A 399 -9.09 14.83 -3.82
CA ASP A 399 -9.75 16.05 -4.28
C ASP A 399 -10.00 16.05 -5.79
N LEU A 400 -10.27 14.88 -6.38
CA LEU A 400 -10.61 14.85 -7.81
C LEU A 400 -11.84 14.00 -8.06
N THR A 401 -12.75 13.97 -7.09
CA THR A 401 -13.94 13.13 -7.21
C THR A 401 -14.74 13.44 -8.48
N PRO A 402 -15.07 14.69 -8.80
CA PRO A 402 -15.84 14.95 -10.04
C PRO A 402 -15.07 14.77 -11.34
N SER A 403 -13.75 14.55 -11.28
CA SER A 403 -12.93 14.26 -12.45
C SER A 403 -12.53 12.80 -12.54
N ASN A 404 -12.21 12.17 -11.41
CA ASN A 404 -11.95 10.73 -11.41
C ASN A 404 -13.25 9.92 -11.54
N LEU A 405 -14.39 10.47 -11.10
CA LEU A 405 -15.68 9.76 -11.08
C LEU A 405 -15.63 8.49 -10.22
N THR A 406 -15.07 8.64 -9.01
CA THR A 406 -14.76 7.54 -8.10
C THR A 406 -15.83 7.29 -7.05
N LYS A 407 -16.87 8.14 -6.98
CA LYS A 407 -17.92 7.97 -5.98
C LYS A 407 -19.17 7.38 -6.63
N ALA A 408 -19.69 6.32 -6.03
CA ALA A 408 -20.94 5.71 -6.48
C ALA A 408 -22.11 6.43 -5.83
N LYS A 409 -23.05 6.91 -6.66
CA LYS A 409 -24.17 7.65 -6.13
C LYS A 409 -24.92 6.79 -5.12
N GLY A 410 -25.39 7.41 -4.04
CA GLY A 410 -26.08 6.66 -3.01
C GLY A 410 -25.23 6.19 -1.86
N THR A 411 -23.91 6.44 -1.89
CA THR A 411 -23.05 6.15 -0.76
C THR A 411 -22.83 7.43 0.05
N VAL A 412 -22.50 7.25 1.30
CA VAL A 412 -22.25 8.37 2.20
C VAL A 412 -20.75 8.47 2.41
N ASP A 413 -20.28 9.68 2.63
CA ASP A 413 -18.87 9.89 2.88
C ASP A 413 -18.49 9.39 4.27
N PHE A 414 -17.25 8.90 4.37
CA PHE A 414 -16.63 8.58 5.64
C PHE A 414 -16.24 9.87 6.36
N GLN A 415 -16.93 10.18 7.45
CA GLN A 415 -16.74 11.41 8.21
C GLN A 415 -17.21 11.13 9.62
N PRO A 416 -16.66 11.81 10.63
CA PRO A 416 -17.27 11.73 11.97
C PRO A 416 -18.71 12.23 11.90
N ALA A 417 -19.63 11.45 12.50
CA ALA A 417 -21.02 11.89 12.57
C ALA A 417 -21.13 13.28 13.15
N ALA A 418 -20.25 13.63 14.09
CA ALA A 418 -20.34 14.94 14.72
C ALA A 418 -20.21 16.10 13.73
N THR A 419 -19.66 15.87 12.53
CA THR A 419 -19.47 16.99 11.61
C THR A 419 -20.70 17.31 10.77
N GLY A 420 -21.68 16.40 10.71
CA GLY A 420 -22.79 16.48 9.78
C GLY A 420 -22.45 16.19 8.33
N LEU A 421 -21.20 15.83 8.03
CA LEU A 421 -20.77 15.66 6.65
C LEU A 421 -20.79 14.23 6.17
N GLY A 422 -20.98 13.26 7.07
CA GLY A 422 -21.01 11.86 6.72
C GLY A 422 -21.13 11.04 8.00
N ASP A 423 -20.63 9.82 7.97
CA ASP A 423 -20.66 8.93 9.11
C ASP A 423 -19.49 7.98 8.99
N TYR A 424 -19.07 7.41 10.12
CA TYR A 424 -17.98 6.44 10.07
C TYR A 424 -18.34 5.17 9.32
N SER A 425 -19.65 4.87 9.18
CA SER A 425 -20.06 3.77 8.32
C SER A 425 -19.97 4.12 6.84
N GLY A 426 -19.67 5.38 6.50
CA GLY A 426 -19.60 5.77 5.12
C GLY A 426 -18.50 5.03 4.38
N ARG A 427 -18.58 5.07 3.05
CA ARG A 427 -17.69 4.26 2.23
C ARG A 427 -16.86 5.07 1.23
N TYR A 428 -17.02 6.39 1.20
CA TYR A 428 -16.30 7.27 0.28
C TYR A 428 -15.45 8.27 1.08
N ILE A 429 -14.14 8.31 0.79
CA ILE A 429 -13.19 9.05 1.60
C ILE A 429 -12.76 10.29 0.85
N ARG A 430 -12.90 11.45 1.48
CA ARG A 430 -12.41 12.73 0.97
C ARG A 430 -10.98 12.90 1.42
N TYR A 431 -10.04 12.44 0.60
CA TYR A 431 -8.63 12.53 0.98
C TYR A 431 -8.08 13.94 0.90
N GLY A 432 -8.72 14.84 0.14
CA GLY A 432 -8.11 16.13 -0.13
C GLY A 432 -6.89 15.95 -1.03
N VAL A 433 -6.12 17.03 -1.15
CA VAL A 433 -5.05 17.05 -2.13
C VAL A 433 -3.81 16.43 -1.48
N ARG A 434 -3.87 15.11 -1.26
CA ARG A 434 -2.91 14.39 -0.44
C ARG A 434 -2.64 13.02 -1.06
N GLU A 435 -2.08 12.99 -2.28
CA GLU A 435 -1.89 11.72 -2.99
C GLU A 435 -0.99 10.76 -2.21
N HIS A 436 0.13 11.26 -1.67
CA HIS A 436 1.08 10.36 -1.02
C HIS A 436 0.48 9.72 0.21
N ALA A 437 -0.15 10.53 1.07
CA ALA A 437 -0.81 9.96 2.24
C ALA A 437 -1.97 9.06 1.85
N MET A 438 -2.73 9.42 0.81
CA MET A 438 -3.78 8.53 0.35
C MET A 438 -3.19 7.16 0.03
N GLY A 439 -2.03 7.13 -0.62
CA GLY A 439 -1.39 5.86 -0.92
C GLY A 439 -1.00 5.07 0.32
N ALA A 440 -0.45 5.74 1.32
CA ALA A 440 -0.01 5.02 2.52
C ALA A 440 -1.19 4.69 3.43
N ILE A 441 -2.24 5.50 3.43
CA ILE A 441 -3.44 5.19 4.17
C ILE A 441 -4.13 3.99 3.54
N MET A 442 -4.13 3.93 2.20
CA MET A 442 -4.68 2.76 1.53
C MET A 442 -3.96 1.50 1.96
N ASN A 443 -2.64 1.58 2.14
CA ASN A 443 -1.88 0.44 2.63
C ASN A 443 -2.33 0.05 4.04
N GLY A 444 -2.62 1.05 4.89
CA GLY A 444 -3.12 0.74 6.23
C GLY A 444 -4.50 0.11 6.24
N ILE A 445 -5.39 0.57 5.35
CA ILE A 445 -6.73 -0.01 5.27
C ILE A 445 -6.64 -1.48 4.87
N ALA A 446 -5.81 -1.77 3.87
CA ALA A 446 -5.59 -3.15 3.47
C ALA A 446 -4.99 -3.95 4.61
N ALA A 447 -4.04 -3.36 5.32
CA ALA A 447 -3.36 -4.04 6.42
C ALA A 447 -4.30 -4.40 7.55
N PHE A 448 -5.35 -3.61 7.78
CA PHE A 448 -6.35 -3.92 8.81
C PHE A 448 -6.87 -5.35 8.65
N GLY A 449 -7.09 -5.78 7.41
CA GLY A 449 -7.61 -7.10 7.12
C GLY A 449 -9.09 -7.07 6.79
N ALA A 450 -9.83 -8.09 7.24
CA ALA A 450 -11.28 -8.21 7.00
C ALA A 450 -11.61 -8.08 5.51
N ASN A 451 -10.67 -8.46 4.64
CA ASN A 451 -10.86 -8.49 3.20
C ASN A 451 -11.09 -7.11 2.57
N TYR A 452 -10.69 -6.02 3.23
CA TYR A 452 -10.85 -4.70 2.62
C TYR A 452 -10.17 -4.65 1.26
N LYS A 453 -10.91 -4.15 0.27
CA LYS A 453 -10.43 -3.94 -1.09
C LYS A 453 -10.62 -2.46 -1.33
N ASN A 454 -9.60 -1.65 -1.12
CA ASN A 454 -9.82 -0.20 -1.11
C ASN A 454 -9.03 0.50 -2.20
N TYR A 455 -9.56 1.64 -2.60
CA TYR A 455 -9.09 2.32 -3.79
C TYR A 455 -8.93 3.81 -3.54
N GLY A 456 -8.16 4.45 -4.43
CA GLY A 456 -7.93 5.88 -4.37
C GLY A 456 -7.75 6.47 -5.75
N GLY A 457 -8.43 7.57 -6.03
CA GLY A 457 -8.41 8.20 -7.35
C GLY A 457 -7.57 9.47 -7.38
N THR A 458 -6.82 9.62 -8.46
CA THR A 458 -6.19 10.89 -8.83
C THR A 458 -5.90 10.80 -10.33
N PHE A 459 -5.31 11.86 -10.89
CA PHE A 459 -4.77 11.77 -12.24
C PHE A 459 -3.57 10.84 -12.24
N LEU A 460 -3.45 10.02 -13.28
CA LEU A 460 -2.31 9.10 -13.36
C LEU A 460 -0.99 9.80 -13.14
N ASN A 461 -0.81 10.98 -13.72
CA ASN A 461 0.46 11.66 -13.58
C ASN A 461 0.81 11.98 -12.14
N PHE A 462 -0.18 12.09 -11.25
CA PHE A 462 0.11 12.41 -9.85
C PHE A 462 0.03 11.21 -8.92
N VAL A 463 -0.19 10.00 -9.44
CA VAL A 463 0.16 8.80 -8.68
C VAL A 463 1.64 8.86 -8.29
N SER A 464 2.46 9.45 -9.17
CA SER A 464 3.88 9.63 -8.93
C SER A 464 4.19 10.39 -7.64
N TYR A 465 3.32 11.32 -7.23
CA TYR A 465 3.46 11.97 -5.93
C TYR A 465 3.53 10.94 -4.81
N ALA A 466 2.91 9.80 -5.00
CA ALA A 466 2.76 8.80 -3.95
C ALA A 466 3.69 7.62 -4.14
N ALA A 467 4.71 7.77 -4.99
CA ALA A 467 5.59 6.65 -5.32
C ALA A 467 6.15 5.96 -4.07
N GLY A 468 6.54 6.72 -3.05
CA GLY A 468 7.06 6.11 -1.84
C GLY A 468 6.14 5.05 -1.26
N ALA A 469 4.84 5.34 -1.22
CA ALA A 469 3.86 4.38 -0.70
C ALA A 469 3.52 3.29 -1.71
N VAL A 470 3.44 3.63 -3.01
CA VAL A 470 3.06 2.64 -4.02
C VAL A 470 4.04 1.48 -4.04
N ARG A 471 5.33 1.78 -3.99
CA ARG A 471 6.29 0.68 -4.02
C ARG A 471 6.15 -0.18 -2.77
N LEU A 472 5.73 0.41 -1.65
CA LEU A 472 5.50 -0.37 -0.44
C LEU A 472 4.22 -1.20 -0.52
N SER A 473 3.22 -0.73 -1.27
CA SER A 473 2.07 -1.57 -1.61
C SER A 473 2.54 -2.87 -2.25
N ALA A 474 3.47 -2.76 -3.20
CA ALA A 474 3.97 -3.92 -3.93
C ALA A 474 4.80 -4.82 -3.02
N LEU A 475 5.72 -4.22 -2.27
CA LEU A 475 6.58 -4.99 -1.37
C LEU A 475 5.81 -5.64 -0.25
N SER A 476 4.71 -5.02 0.17
CA SER A 476 3.85 -5.53 1.24
C SER A 476 2.80 -6.51 0.74
N GLU A 477 2.65 -6.65 -0.58
CA GLU A 477 1.66 -7.53 -1.19
C GLU A 477 0.24 -7.14 -0.78
N PHE A 478 -0.05 -5.81 -0.82
CA PHE A 478 -1.36 -5.31 -0.43
C PHE A 478 -2.23 -5.08 -1.65
N PRO A 479 -3.49 -5.66 -1.68
CA PRO A 479 -4.40 -5.45 -2.83
C PRO A 479 -5.13 -4.11 -2.72
N ILE A 480 -4.38 -3.03 -2.93
CA ILE A 480 -4.94 -1.70 -3.06
C ILE A 480 -5.09 -1.36 -4.54
N THR A 481 -5.95 -0.39 -4.84
CA THR A 481 -6.22 -0.01 -6.22
C THR A 481 -6.16 1.50 -6.43
N TRP A 482 -5.37 1.93 -7.40
CA TRP A 482 -5.36 3.31 -7.85
C TRP A 482 -6.28 3.48 -9.06
N VAL A 483 -7.22 4.42 -8.96
CA VAL A 483 -8.13 4.76 -10.05
C VAL A 483 -7.53 6.00 -10.69
N ALA A 484 -6.73 5.78 -11.74
CA ALA A 484 -5.79 6.79 -12.23
C ALA A 484 -6.24 7.29 -13.58
N THR A 485 -7.01 8.37 -13.58
CA THR A 485 -7.65 8.85 -14.79
C THR A 485 -6.77 9.87 -15.51
N HIS A 486 -7.25 10.33 -16.68
CA HIS A 486 -6.53 11.30 -17.48
C HIS A 486 -5.14 10.77 -17.81
N ASP A 487 -5.12 9.62 -18.47
CA ASP A 487 -3.92 8.79 -18.51
C ASP A 487 -2.86 9.22 -19.53
N SER A 488 -3.14 10.16 -20.42
CA SER A 488 -2.19 10.45 -21.50
C SER A 488 -2.45 11.85 -22.06
N ILE A 489 -1.71 12.19 -23.12
CA ILE A 489 -1.95 13.40 -23.92
C ILE A 489 -3.41 13.48 -24.36
N GLY A 490 -4.10 12.33 -24.35
CA GLY A 490 -5.53 12.31 -24.60
C GLY A 490 -6.33 13.28 -23.76
N LEU A 491 -5.78 13.69 -22.62
CA LEU A 491 -6.46 14.67 -21.78
C LEU A 491 -6.43 16.09 -22.37
N GLY A 492 -5.50 16.36 -23.27
CA GLY A 492 -5.48 17.60 -24.02
C GLY A 492 -4.94 18.84 -23.31
N GLU A 493 -5.83 19.78 -23.01
CA GLU A 493 -5.43 21.17 -22.81
C GLU A 493 -4.59 21.38 -21.54
N ASP A 494 -4.76 20.56 -20.50
CA ASP A 494 -4.00 20.77 -19.27
C ASP A 494 -2.49 20.71 -19.53
N GLY A 495 -2.08 19.99 -20.58
CA GLY A 495 -0.71 20.10 -21.03
C GLY A 495 0.29 19.21 -20.32
N PRO A 496 1.58 19.45 -20.60
CA PRO A 496 2.61 18.46 -20.25
C PRO A 496 2.86 18.31 -18.78
N THR A 497 2.47 19.28 -17.94
CA THR A 497 2.62 19.07 -16.50
C THR A 497 1.63 18.04 -15.98
N HIS A 498 0.62 17.68 -16.79
CA HIS A 498 -0.40 16.73 -16.38
C HIS A 498 -0.38 15.44 -17.17
N GLN A 499 0.42 15.35 -18.23
CA GLN A 499 0.33 14.24 -19.18
C GLN A 499 1.41 13.19 -18.89
N PRO A 500 1.04 11.99 -18.44
CA PRO A 500 2.04 10.94 -18.17
C PRO A 500 2.87 10.60 -19.40
N ILE A 501 4.16 10.35 -19.18
CA ILE A 501 5.06 9.84 -20.21
C ILE A 501 5.77 8.63 -19.65
N GLU A 502 6.39 8.83 -18.49
CA GLU A 502 7.21 7.84 -17.82
C GLU A 502 6.43 6.95 -16.87
N THR A 503 5.18 7.29 -16.59
CA THR A 503 4.48 6.82 -15.40
C THR A 503 4.23 5.32 -15.42
N LEU A 504 3.74 4.79 -16.54
CA LEU A 504 3.46 3.35 -16.61
C LEU A 504 4.74 2.55 -16.58
N ALA A 505 5.77 3.03 -17.27
CA ALA A 505 7.06 2.35 -17.23
C ALA A 505 7.59 2.25 -15.81
N HIS A 506 7.49 3.34 -15.05
CA HIS A 506 7.93 3.35 -13.66
C HIS A 506 7.26 2.24 -12.86
N PHE A 507 5.93 2.15 -12.92
CA PHE A 507 5.24 1.18 -12.08
C PHE A 507 5.29 -0.24 -12.68
N ARG A 508 5.34 -0.37 -14.01
CA ARG A 508 5.54 -1.70 -14.60
C ARG A 508 6.90 -2.27 -14.23
N ALA A 509 7.92 -1.42 -14.10
CA ALA A 509 9.24 -1.83 -13.66
C ALA A 509 9.31 -2.14 -12.17
N THR A 510 8.30 -1.76 -11.40
CA THR A 510 8.27 -2.13 -10.00
C THR A 510 7.74 -3.55 -9.88
N PRO A 511 8.45 -4.47 -9.21
CA PRO A 511 7.90 -5.81 -9.05
C PRO A 511 6.54 -5.78 -8.35
N ASN A 512 5.64 -6.65 -8.81
CA ASN A 512 4.36 -6.90 -8.17
C ASN A 512 3.40 -5.70 -8.20
N ILE A 513 3.32 -5.01 -9.34
CA ILE A 513 2.23 -4.07 -9.60
C ILE A 513 1.54 -4.44 -10.89
N SER A 514 0.23 -4.67 -10.79
CA SER A 514 -0.62 -4.90 -11.95
C SER A 514 -1.06 -3.54 -12.46
N VAL A 515 -0.71 -3.24 -13.71
CA VAL A 515 -0.92 -1.91 -14.29
C VAL A 515 -1.86 -2.11 -15.46
N TRP A 516 -3.15 -1.92 -15.20
CA TRP A 516 -4.21 -2.09 -16.19
C TRP A 516 -4.44 -0.80 -16.96
N ARG A 517 -4.50 -0.91 -18.28
CA ARG A 517 -4.84 0.20 -19.15
C ARG A 517 -5.93 -0.29 -20.08
N PRO A 518 -7.17 -0.35 -19.61
CA PRO A 518 -8.23 -1.01 -20.38
C PRO A 518 -8.63 -0.20 -21.61
N ALA A 519 -8.97 -0.93 -22.69
CA ALA A 519 -9.30 -0.30 -23.96
C ALA A 519 -10.78 0.05 -24.10
N ASP A 520 -11.67 -0.58 -23.35
CA ASP A 520 -13.10 -0.36 -23.55
C ASP A 520 -13.86 -0.90 -22.34
N GLY A 521 -15.17 -1.02 -22.50
CA GLY A 521 -16.04 -1.40 -21.40
C GLY A 521 -15.71 -2.76 -20.82
N ASN A 522 -15.61 -3.78 -21.68
CA ASN A 522 -15.32 -5.12 -21.20
C ASN A 522 -13.96 -5.19 -20.51
N GLU A 523 -12.95 -4.53 -21.10
CA GLU A 523 -11.63 -4.55 -20.48
C GLU A 523 -11.62 -3.86 -19.12
N THR A 524 -12.41 -2.78 -18.97
CA THR A 524 -12.48 -2.07 -17.69
C THR A 524 -13.11 -2.96 -16.61
N SER A 525 -14.13 -3.75 -16.98
CA SER A 525 -14.67 -4.74 -16.04
C SER A 525 -13.64 -5.79 -15.67
N ALA A 526 -12.86 -6.27 -16.64
CA ALA A 526 -11.80 -7.23 -16.31
C ALA A 526 -10.78 -6.63 -15.34
N ALA A 527 -10.42 -5.37 -15.54
CA ALA A 527 -9.43 -4.73 -14.67
C ALA A 527 -9.92 -4.66 -13.23
N TYR A 528 -11.19 -4.30 -13.03
CA TYR A 528 -11.77 -4.32 -11.69
C TYR A 528 -11.94 -5.74 -11.16
N LYS A 529 -12.31 -6.70 -12.02
CA LYS A 529 -12.33 -8.09 -11.57
C LYS A 529 -10.98 -8.49 -10.99
N SER A 530 -9.89 -8.08 -11.65
CA SER A 530 -8.54 -8.37 -11.17
C SER A 530 -8.24 -7.62 -9.87
N ALA A 531 -8.50 -6.31 -9.85
CA ALA A 531 -8.17 -5.48 -8.70
C ALA A 531 -8.92 -5.91 -7.45
N ILE A 532 -10.19 -6.30 -7.58
CA ILE A 532 -11.01 -6.65 -6.42
C ILE A 532 -10.73 -8.09 -5.95
N GLU A 533 -10.43 -9.02 -6.86
CA GLU A 533 -10.08 -10.39 -6.47
C GLU A 533 -8.65 -10.50 -5.98
N SER A 534 -7.83 -9.48 -6.24
CA SER A 534 -6.44 -9.50 -5.81
C SER A 534 -6.35 -9.74 -4.31
N THR A 535 -5.42 -10.61 -3.92
CA THR A 535 -5.10 -10.79 -2.52
C THR A 535 -3.69 -10.35 -2.16
N HIS A 536 -2.78 -10.31 -3.13
CA HIS A 536 -1.37 -10.03 -2.86
C HIS A 536 -0.73 -9.02 -3.81
N THR A 537 -1.51 -8.30 -4.63
CA THR A 537 -0.92 -7.49 -5.68
C THR A 537 -1.67 -6.15 -5.84
N PRO A 538 -1.00 -5.03 -5.61
CA PRO A 538 -1.63 -3.74 -5.87
C PRO A 538 -1.90 -3.53 -7.35
N HIS A 539 -2.95 -2.75 -7.62
CA HIS A 539 -3.39 -2.43 -8.96
C HIS A 539 -3.35 -0.92 -9.20
N ILE A 540 -2.95 -0.56 -10.42
CA ILE A 540 -3.13 0.78 -10.96
C ILE A 540 -3.97 0.68 -12.23
N LEU A 541 -5.11 1.36 -12.24
CA LEU A 541 -6.01 1.39 -13.41
C LEU A 541 -5.84 2.73 -14.13
N ALA A 542 -5.23 2.68 -15.31
CA ALA A 542 -4.98 3.86 -16.13
C ALA A 542 -6.19 4.08 -17.04
N LEU A 543 -6.92 5.17 -16.82
CA LEU A 543 -8.23 5.40 -17.41
C LEU A 543 -8.24 6.70 -18.20
N THR A 544 -9.06 6.74 -19.25
CA THR A 544 -9.05 7.86 -20.18
C THR A 544 -10.11 8.90 -19.84
N LEU A 545 -9.81 10.13 -20.25
CA LEU A 545 -10.80 11.19 -20.35
C LEU A 545 -11.59 11.12 -21.65
N GLN A 546 -10.96 10.71 -22.75
CA GLN A 546 -11.61 10.72 -24.05
C GLN A 546 -12.41 9.44 -24.24
N ASN A 547 -13.46 9.54 -25.06
CA ASN A 547 -14.34 8.40 -25.34
C ASN A 547 -13.68 7.41 -26.28
N LEU A 548 -13.82 6.12 -25.96
CA LEU A 548 -13.28 5.06 -26.79
C LEU A 548 -14.39 4.12 -27.22
N PRO A 549 -14.31 3.59 -28.44
CA PRO A 549 -15.37 2.69 -28.92
C PRO A 549 -15.28 1.34 -28.26
N GLN A 550 -16.45 0.71 -28.09
CA GLN A 550 -16.48 -0.71 -27.71
C GLN A 550 -15.91 -1.55 -28.85
N LEU A 551 -15.02 -2.47 -28.50
CA LEU A 551 -14.27 -3.22 -29.49
C LEU A 551 -15.01 -4.49 -29.90
N GLU A 552 -14.95 -4.80 -31.20
CA GLU A 552 -15.28 -6.13 -31.68
C GLU A 552 -14.21 -7.09 -31.18
N GLY A 553 -14.62 -8.10 -30.41
CA GLY A 553 -13.70 -9.12 -29.98
C GLY A 553 -13.21 -8.99 -28.54
N SER A 554 -13.61 -7.93 -27.83
CA SER A 554 -13.23 -7.82 -26.43
C SER A 554 -14.25 -8.57 -25.58
N SER A 555 -13.80 -9.01 -24.42
CA SER A 555 -14.66 -9.60 -23.42
C SER A 555 -13.94 -9.56 -22.08
N ILE A 556 -14.72 -9.65 -21.01
CA ILE A 556 -14.15 -9.69 -19.68
C ILE A 556 -13.19 -10.86 -19.56
N GLU A 557 -13.65 -12.05 -19.94
CA GLU A 557 -12.83 -13.24 -19.71
C GLU A 557 -11.60 -13.26 -20.60
N LYS A 558 -11.68 -12.66 -21.79
CA LYS A 558 -10.48 -12.57 -22.63
C LYS A 558 -9.48 -11.59 -22.04
N ALA A 559 -9.96 -10.40 -21.66
CA ALA A 559 -9.09 -9.38 -21.07
C ALA A 559 -8.53 -9.82 -19.73
N SER A 560 -9.21 -10.75 -19.04
N SER A 560 -9.20 -10.74 -19.04
CA SER A 560 -8.70 -11.26 -17.76
CA SER A 560 -8.69 -11.25 -17.76
C SER A 560 -7.42 -12.05 -17.91
C SER A 560 -7.40 -12.04 -17.92
N LYS A 561 -7.02 -12.40 -19.14
CA LYS A 561 -5.73 -13.03 -19.37
C LYS A 561 -4.58 -12.02 -19.42
N GLY A 562 -4.87 -10.72 -19.25
CA GLY A 562 -3.83 -9.70 -19.25
C GLY A 562 -3.43 -9.27 -20.65
N GLY A 563 -3.26 -10.24 -21.54
CA GLY A 563 -3.04 -9.97 -22.94
C GLY A 563 -3.75 -11.01 -23.79
N TYR A 564 -4.32 -10.59 -24.92
CA TYR A 564 -5.08 -11.52 -25.74
C TYR A 564 -5.14 -11.04 -27.18
N THR A 565 -5.46 -11.99 -28.05
CA THR A 565 -5.57 -11.72 -29.48
C THR A 565 -6.94 -11.11 -29.73
N LEU A 566 -6.96 -9.84 -30.11
CA LEU A 566 -8.22 -9.15 -30.42
C LEU A 566 -8.64 -9.38 -31.88
N VAL A 567 -7.71 -9.20 -32.81
CA VAL A 567 -7.95 -9.52 -34.22
C VAL A 567 -6.93 -10.58 -34.59
N GLN A 568 -7.42 -11.78 -34.84
CA GLN A 568 -6.61 -12.91 -35.24
C GLN A 568 -6.45 -12.90 -36.75
N GLN A 569 -5.20 -13.00 -37.22
CA GLN A 569 -4.87 -12.99 -38.64
C GLN A 569 -3.88 -14.13 -38.88
N ASP A 570 -4.38 -15.26 -39.41
CA ASP A 570 -3.54 -16.43 -39.60
C ASP A 570 -2.33 -16.16 -40.49
N LYS A 571 -2.46 -15.24 -41.44
CA LYS A 571 -1.37 -14.98 -42.37
C LYS A 571 -0.83 -13.57 -42.14
N ALA A 572 -0.56 -13.23 -40.88
CA ALA A 572 -0.19 -11.86 -40.53
C ALA A 572 1.16 -11.51 -41.12
N ASP A 573 1.23 -10.35 -41.76
CA ASP A 573 2.52 -9.72 -42.02
C ASP A 573 3.09 -9.05 -40.78
N ILE A 574 2.23 -8.66 -39.84
CA ILE A 574 2.66 -7.97 -38.64
C ILE A 574 1.56 -8.12 -37.60
N ILE A 575 1.94 -8.13 -36.34
CA ILE A 575 1.01 -7.98 -35.24
C ILE A 575 1.27 -6.63 -34.58
N ILE A 576 0.20 -5.87 -34.37
CA ILE A 576 0.28 -4.64 -33.61
C ILE A 576 -0.23 -4.94 -32.20
N VAL A 577 0.64 -4.78 -31.19
CA VAL A 577 0.24 -4.90 -29.79
C VAL A 577 0.07 -3.51 -29.21
N ALA A 578 -1.04 -3.29 -28.50
CA ALA A 578 -1.35 -1.96 -27.99
C ALA A 578 -2.15 -2.09 -26.69
N THR A 579 -2.38 -0.95 -26.06
CA THR A 579 -3.11 -0.87 -24.81
C THR A 579 -4.06 0.31 -24.88
N GLY A 580 -5.11 0.23 -24.07
CA GLY A 580 -5.97 1.37 -23.83
C GLY A 580 -6.47 2.03 -25.09
N SER A 581 -6.37 3.36 -25.10
CA SER A 581 -6.85 4.16 -26.21
C SER A 581 -6.17 3.84 -27.52
N GLU A 582 -5.01 3.18 -27.51
CA GLU A 582 -4.32 2.88 -28.76
C GLU A 582 -4.72 1.54 -29.37
N VAL A 583 -5.55 0.73 -28.69
CA VAL A 583 -6.08 -0.49 -29.31
C VAL A 583 -7.01 -0.13 -30.48
N SER A 584 -7.96 0.77 -30.25
CA SER A 584 -8.82 1.22 -31.35
C SER A 584 -8.00 1.83 -32.48
N LEU A 585 -6.94 2.56 -32.12
CA LEU A 585 -6.03 3.12 -33.10
C LEU A 585 -5.37 2.01 -33.93
N ALA A 586 -4.94 0.94 -33.28
CA ALA A 586 -4.33 -0.18 -33.99
C ALA A 586 -5.30 -0.82 -34.97
N VAL A 587 -6.57 -0.99 -34.55
CA VAL A 587 -7.58 -1.56 -35.44
C VAL A 587 -7.81 -0.66 -36.65
N ASP A 588 -7.88 0.66 -36.44
CA ASP A 588 -8.02 1.57 -37.57
C ASP A 588 -6.80 1.50 -38.48
N ALA A 589 -5.62 1.27 -37.92
CA ALA A 589 -4.41 1.14 -38.73
C ALA A 589 -4.41 -0.15 -39.53
N LEU A 590 -4.96 -1.22 -38.93
CA LEU A 590 -5.14 -2.49 -39.64
C LEU A 590 -5.95 -2.27 -40.92
N LYS A 591 -6.99 -1.43 -40.83
CA LYS A 591 -7.82 -1.15 -42.01
C LYS A 591 -7.04 -0.39 -43.08
N VAL A 592 -6.25 0.62 -42.67
CA VAL A 592 -5.38 1.31 -43.62
C VAL A 592 -4.40 0.34 -44.27
N LEU A 593 -3.79 -0.54 -43.45
CA LEU A 593 -2.85 -1.50 -43.98
C LEU A 593 -3.50 -2.45 -44.98
N GLU A 594 -4.74 -2.88 -44.70
CA GLU A 594 -5.48 -3.69 -45.66
C GLU A 594 -5.48 -3.05 -47.03
N GLY A 595 -5.83 -1.77 -47.10
CA GLY A 595 -5.80 -1.04 -48.36
C GLY A 595 -4.45 -1.12 -49.06
N GLN A 596 -3.38 -1.31 -48.32
CA GLN A 596 -2.06 -1.43 -48.91
C GLN A 596 -1.65 -2.87 -49.17
N GLY A 597 -2.56 -3.82 -48.97
CA GLY A 597 -2.21 -5.23 -49.11
C GLY A 597 -1.38 -5.81 -48.00
N ILE A 598 -1.40 -5.21 -46.80
CA ILE A 598 -0.68 -5.75 -45.65
C ILE A 598 -1.71 -6.30 -44.67
N LYS A 599 -1.48 -7.51 -44.19
CA LYS A 599 -2.39 -8.17 -43.26
C LYS A 599 -1.80 -8.04 -41.85
N ALA A 600 -2.58 -7.46 -40.94
CA ALA A 600 -2.14 -7.21 -39.58
C ALA A 600 -3.07 -7.90 -38.60
N GLY A 601 -2.49 -8.41 -37.52
CA GLY A 601 -3.25 -8.82 -36.35
C GLY A 601 -3.13 -7.75 -35.28
N VAL A 602 -4.05 -7.81 -34.31
CA VAL A 602 -4.03 -6.88 -33.18
C VAL A 602 -4.08 -7.67 -31.89
N VAL A 603 -3.14 -7.37 -31.00
CA VAL A 603 -3.12 -7.87 -29.62
C VAL A 603 -3.41 -6.70 -28.68
N SER A 604 -4.35 -6.90 -27.76
CA SER A 604 -4.61 -5.96 -26.67
C SER A 604 -3.91 -6.49 -25.42
N LEU A 605 -3.12 -5.63 -24.78
CA LEU A 605 -2.32 -6.02 -23.61
C LEU A 605 -2.73 -5.19 -22.40
N PRO A 606 -3.95 -5.36 -21.90
CA PRO A 606 -4.43 -4.48 -20.82
C PRO A 606 -3.60 -4.54 -19.54
N ASP A 607 -3.03 -5.69 -19.18
CA ASP A 607 -2.09 -5.73 -18.04
C ASP A 607 -0.91 -6.62 -18.37
N GLN A 608 0.29 -6.02 -18.36
CA GLN A 608 1.50 -6.79 -18.65
C GLN A 608 1.82 -7.80 -17.55
N LEU A 609 1.54 -7.48 -16.29
CA LEU A 609 1.87 -8.41 -15.22
C LEU A 609 1.00 -9.66 -15.30
N THR A 610 -0.32 -9.46 -15.42
CA THR A 610 -1.23 -10.60 -15.56
C THR A 610 -0.84 -11.43 -16.78
N PHE A 611 -0.53 -10.77 -17.90
CA PHE A 611 -0.05 -11.48 -19.08
C PHE A 611 1.21 -12.30 -18.77
N ASP A 612 2.22 -11.65 -18.17
CA ASP A 612 3.49 -12.32 -17.88
C ASP A 612 3.33 -13.60 -17.06
N LYS A 613 2.31 -13.67 -16.20
CA LYS A 613 2.12 -14.81 -15.32
C LYS A 613 1.32 -15.93 -15.98
N GLN A 614 0.85 -15.73 -17.20
CA GLN A 614 0.21 -16.80 -17.95
C GLN A 614 1.26 -17.83 -18.36
N SER A 615 0.78 -18.98 -18.81
CA SER A 615 1.67 -20.05 -19.23
C SER A 615 2.49 -19.59 -20.44
N GLU A 616 3.67 -20.18 -20.58
CA GLU A 616 4.53 -19.89 -21.73
C GLU A 616 3.80 -20.14 -23.05
N GLU A 617 3.02 -21.22 -23.12
CA GLU A 617 2.37 -21.53 -24.38
C GLU A 617 1.19 -20.60 -24.62
N TYR A 618 0.50 -20.13 -23.58
CA TYR A 618 -0.50 -19.09 -23.82
C TYR A 618 0.16 -17.82 -24.33
N LYS A 619 1.26 -17.41 -23.69
CA LYS A 619 1.91 -16.17 -24.09
C LYS A 619 2.40 -16.24 -25.52
N LEU A 620 2.96 -17.39 -25.91
CA LEU A 620 3.46 -17.54 -27.27
C LEU A 620 2.35 -17.63 -28.29
N SER A 621 1.13 -18.01 -27.89
CA SER A 621 0.03 -18.00 -28.85
C SER A 621 -0.44 -16.57 -29.13
N VAL A 622 -0.23 -15.64 -28.18
CA VAL A 622 -0.62 -14.25 -28.37
C VAL A 622 0.48 -13.49 -29.10
N LEU A 623 1.74 -13.78 -28.79
CA LEU A 623 2.90 -13.15 -29.41
C LEU A 623 3.79 -14.26 -29.97
N PRO A 624 3.39 -14.87 -31.08
CA PRO A 624 4.09 -16.05 -31.59
C PRO A 624 5.39 -15.68 -32.28
N ASP A 625 6.16 -16.72 -32.60
CA ASP A 625 7.32 -16.59 -33.47
C ASP A 625 6.88 -16.29 -34.90
N GLY A 626 7.83 -15.79 -35.69
CA GLY A 626 7.69 -15.73 -37.12
C GLY A 626 6.87 -14.59 -37.68
N VAL A 627 6.57 -13.57 -36.87
CA VAL A 627 5.90 -12.39 -37.37
C VAL A 627 6.45 -11.15 -36.63
N PRO A 628 6.84 -10.09 -37.34
CA PRO A 628 7.26 -8.86 -36.64
C PRO A 628 6.11 -8.27 -35.82
N ILE A 629 6.46 -7.71 -34.66
CA ILE A 629 5.48 -7.15 -33.73
C ILE A 629 5.84 -5.68 -33.48
N LEU A 630 4.84 -4.81 -33.64
CA LEU A 630 4.96 -3.38 -33.38
C LEU A 630 4.10 -3.00 -32.19
N SER A 631 4.69 -2.34 -31.19
CA SER A 631 3.89 -1.83 -30.08
C SER A 631 3.47 -0.39 -30.34
N VAL A 632 2.26 -0.06 -29.86
CA VAL A 632 1.72 1.29 -29.98
C VAL A 632 1.12 1.69 -28.63
N GLU A 633 1.68 2.71 -27.99
CA GLU A 633 1.15 3.25 -26.74
C GLU A 633 1.69 4.67 -26.60
N VAL A 634 0.81 5.64 -26.28
CA VAL A 634 1.19 7.06 -26.40
C VAL A 634 1.93 7.55 -25.16
N MET A 635 2.91 6.76 -24.72
CA MET A 635 3.79 7.07 -23.61
C MET A 635 5.14 6.41 -23.89
N SER A 636 5.98 6.32 -22.86
CA SER A 636 7.34 5.82 -23.02
C SER A 636 7.37 4.43 -23.68
N THR A 637 8.38 4.19 -24.50
CA THR A 637 8.60 2.86 -25.06
C THR A 637 9.30 1.89 -24.11
N PHE A 638 9.63 2.31 -22.87
CA PHE A 638 10.31 1.40 -21.94
C PHE A 638 9.46 0.20 -21.59
N GLY A 639 10.12 -0.96 -21.54
CA GLY A 639 9.47 -2.22 -21.25
C GLY A 639 8.91 -2.92 -22.47
N TRP A 640 8.68 -2.19 -23.56
CA TRP A 640 7.88 -2.74 -24.65
C TRP A 640 8.63 -3.78 -25.47
N SER A 641 9.96 -3.84 -25.36
CA SER A 641 10.73 -4.86 -26.08
C SER A 641 10.52 -6.26 -25.55
N LYS A 642 9.88 -6.41 -24.38
CA LYS A 642 9.44 -7.73 -23.94
C LYS A 642 8.39 -8.31 -24.87
N TYR A 643 7.65 -7.47 -25.58
CA TYR A 643 6.49 -7.92 -26.31
C TYR A 643 6.52 -7.59 -27.79
N SER A 644 7.54 -6.88 -28.28
CA SER A 644 7.50 -6.31 -29.62
C SER A 644 8.94 -6.16 -30.12
N HIS A 645 9.08 -6.10 -31.44
CA HIS A 645 10.37 -5.90 -32.06
C HIS A 645 10.66 -4.43 -32.30
N GLN A 646 9.63 -3.65 -32.60
CA GLN A 646 9.72 -2.22 -32.82
C GLN A 646 8.63 -1.54 -32.01
N GLN A 647 8.92 -0.33 -31.53
CA GLN A 647 8.05 0.34 -30.57
C GLN A 647 7.71 1.73 -31.09
N PHE A 648 6.42 2.02 -31.23
CA PHE A 648 5.92 3.35 -31.54
C PHE A 648 5.34 3.94 -30.25
N GLY A 649 6.04 4.93 -29.70
CA GLY A 649 5.62 5.52 -28.44
C GLY A 649 5.97 6.99 -28.38
N LEU A 650 5.84 7.61 -27.22
CA LEU A 650 6.12 9.04 -27.04
C LEU A 650 7.18 9.18 -25.95
N ASN A 651 8.38 9.60 -26.33
CA ASN A 651 9.51 9.68 -25.42
C ASN A 651 9.95 11.12 -25.19
N ARG A 652 9.03 12.07 -25.37
CA ARG A 652 9.19 13.46 -25.05
C ARG A 652 7.97 13.89 -24.26
N PHE A 653 8.05 15.06 -23.63
CA PHE A 653 6.90 15.57 -22.92
C PHE A 653 5.79 15.95 -23.90
N GLY A 654 4.58 16.08 -23.37
CA GLY A 654 3.41 16.40 -24.17
C GLY A 654 3.31 17.86 -24.56
N ALA A 655 2.09 18.34 -24.68
CA ALA A 655 1.81 19.71 -25.12
C ALA A 655 0.42 20.09 -24.70
N SER A 656 0.22 21.39 -24.49
CA SER A 656 -1.09 21.93 -24.20
C SER A 656 -1.84 22.25 -25.50
N GLY A 657 -2.94 21.54 -25.73
CA GLY A 657 -3.76 21.74 -26.91
C GLY A 657 -4.88 20.71 -26.95
N LYS A 658 -5.75 20.87 -27.94
CA LYS A 658 -6.81 19.88 -28.15
C LYS A 658 -6.20 18.53 -28.46
N ALA A 659 -6.65 17.49 -27.76
CA ALA A 659 -6.05 16.17 -27.89
C ALA A 659 -5.95 15.70 -29.34
N PRO A 660 -6.98 15.81 -30.17
CA PRO A 660 -6.84 15.29 -31.54
C PRO A 660 -5.68 15.94 -32.29
N GLU A 661 -5.43 17.23 -32.03
CA GLU A 661 -4.31 17.92 -32.66
C GLU A 661 -2.98 17.42 -32.14
N ILE A 662 -2.89 17.10 -30.85
CA ILE A 662 -1.65 16.53 -30.30
C ILE A 662 -1.37 15.17 -30.93
N PHE A 663 -2.38 14.31 -30.98
CA PHE A 663 -2.20 13.01 -31.63
C PHE A 663 -1.76 13.17 -33.09
N LYS A 664 -2.40 14.08 -33.82
CA LYS A 664 -1.98 14.36 -35.19
C LYS A 664 -0.53 14.81 -35.23
N LEU A 665 -0.17 15.74 -34.35
CA LEU A 665 1.21 16.25 -34.36
C LEU A 665 2.21 15.12 -34.19
N PHE A 666 1.93 14.17 -33.29
CA PHE A 666 2.86 13.09 -33.05
C PHE A 666 2.58 11.87 -33.92
N GLU A 667 1.64 11.98 -34.87
CA GLU A 667 1.35 10.94 -35.87
C GLU A 667 0.78 9.66 -35.26
N PHE A 668 0.16 9.78 -34.08
CA PHE A 668 -0.68 8.73 -33.51
C PHE A 668 -2.06 8.79 -34.17
N THR A 669 -2.05 8.38 -35.43
CA THR A 669 -3.18 8.35 -36.35
C THR A 669 -3.16 7.01 -37.08
N PRO A 670 -4.29 6.62 -37.66
CA PRO A 670 -4.31 5.35 -38.42
C PRO A 670 -3.21 5.29 -39.48
N GLU A 671 -3.00 6.39 -40.20
CA GLU A 671 -1.97 6.45 -41.23
C GLU A 671 -0.56 6.47 -40.64
N GLY A 672 -0.37 7.21 -39.53
CA GLY A 672 0.95 7.23 -38.89
C GLY A 672 1.37 5.88 -38.36
N VAL A 673 0.44 5.14 -37.74
CA VAL A 673 0.75 3.78 -37.27
C VAL A 673 0.98 2.84 -38.45
N ALA A 674 0.12 2.93 -39.46
CA ALA A 674 0.25 2.07 -40.64
C ALA A 674 1.59 2.28 -41.34
N GLU A 675 2.02 3.55 -41.47
CA GLU A 675 3.36 3.83 -42.02
C GLU A 675 4.45 3.09 -41.26
N ARG A 676 4.42 3.15 -39.93
CA ARG A 676 5.49 2.52 -39.17
C ARG A 676 5.36 0.99 -39.18
N ALA A 677 4.13 0.50 -39.25
CA ALA A 677 3.92 -0.94 -39.43
C ALA A 677 4.51 -1.39 -40.76
N ALA A 678 4.31 -0.61 -41.82
CA ALA A 678 4.85 -0.98 -43.12
C ALA A 678 6.38 -0.95 -43.10
N LYS A 679 6.98 0.07 -42.49
CA LYS A 679 8.43 0.12 -42.37
C LYS A 679 8.95 -1.00 -41.51
N THR A 680 8.17 -1.43 -40.50
CA THR A 680 8.60 -2.56 -39.69
C THR A 680 8.58 -3.85 -40.50
N VAL A 681 7.54 -4.04 -41.32
CA VAL A 681 7.49 -5.20 -42.22
C VAL A 681 8.70 -5.17 -43.16
N ALA A 682 8.97 -4.01 -43.76
CA ALA A 682 10.13 -3.89 -44.65
C ALA A 682 11.43 -4.19 -43.92
N PHE A 683 11.58 -3.68 -42.69
CA PHE A 683 12.80 -3.89 -41.94
C PHE A 683 13.16 -5.37 -41.83
N TYR A 684 12.16 -6.23 -41.64
CA TYR A 684 12.40 -7.64 -41.42
C TYR A 684 12.17 -8.49 -42.67
N LYS A 685 11.93 -7.86 -43.82
CA LYS A 685 11.66 -8.60 -45.05
C LYS A 685 12.75 -9.64 -45.29
N GLY A 686 12.33 -10.89 -45.50
CA GLY A 686 13.27 -11.94 -45.82
C GLY A 686 14.17 -12.35 -44.68
N LYS A 687 13.81 -12.03 -43.45
CA LYS A 687 14.46 -12.56 -42.26
C LYS A 687 13.39 -13.20 -41.41
N ASP A 688 13.66 -14.39 -40.88
CA ASP A 688 12.69 -15.01 -40.00
C ASP A 688 12.96 -14.55 -38.58
N VAL A 689 11.90 -14.42 -37.82
CA VAL A 689 11.89 -13.65 -36.58
C VAL A 689 11.30 -14.54 -35.50
N VAL A 690 11.86 -14.45 -34.29
CA VAL A 690 11.33 -15.20 -33.15
C VAL A 690 10.63 -14.24 -32.20
N SER A 691 9.69 -14.80 -31.44
CA SER A 691 8.87 -14.00 -30.54
C SER A 691 9.77 -13.16 -29.63
N PRO A 692 9.42 -11.89 -29.39
CA PRO A 692 10.15 -11.13 -28.36
C PRO A 692 10.13 -11.79 -26.99
N LEU A 693 9.21 -12.72 -26.76
CA LEU A 693 9.16 -13.44 -25.48
C LEU A 693 10.34 -14.36 -25.27
N ARG A 694 11.04 -14.74 -26.33
CA ARG A 694 12.13 -15.70 -26.20
C ARG A 694 13.30 -15.05 -25.47
N SER A 695 13.97 -15.83 -24.64
CA SER A 695 15.16 -15.32 -23.99
C SER A 695 16.22 -16.43 -23.96
N ALA A 696 17.48 -15.99 -24.00
CA ALA A 696 18.59 -16.94 -24.02
C ALA A 696 18.77 -17.64 -22.69
N PHE A 697 18.21 -17.10 -21.62
CA PHE A 697 18.40 -17.66 -20.30
C PHE A 697 17.26 -17.17 -19.44
P1 POP B . 16.56 8.89 15.65
O1 POP B . 18.05 8.98 15.90
O2 POP B . 16.08 7.47 15.81
O3 POP B . 15.91 9.79 16.66
O POP B . 16.25 9.45 14.16
P2 POP B . 14.81 10.04 13.73
O4 POP B . 14.88 11.53 13.87
O5 POP B . 14.43 9.69 12.32
O6 POP B . 13.78 9.53 14.72
C1 PEG C . -0.83 -9.78 1.90
O1 PEG C . -0.25 -10.73 2.75
C2 PEG C . -2.27 -9.45 2.30
O2 PEG C . -2.28 -8.87 3.58
C3 PEG C . -3.46 -8.24 3.99
C4 PEG C . -4.12 -9.02 5.12
O4 PEG C . -3.81 -8.56 6.40
H11 PEG C . -0.30 -8.97 1.94
H12 PEG C . -0.82 -10.13 1.01
HO1 PEG C . -0.81 -11.35 2.91
H21 PEG C . -2.65 -8.83 1.65
H22 PEG C . -2.79 -10.27 2.31
H31 PEG C . -3.25 -7.34 4.30
H32 PEG C . -4.07 -8.18 3.24
H41 PEG C . -5.09 -8.97 5.01
H42 PEG C . -3.86 -9.95 5.05
HO4 PEG C . -4.09 -9.11 6.98
#